data_8DB8
#
_entry.id   8DB8
#
_cell.length_a   51.025
_cell.length_b   76.480
_cell.length_c   86.636
_cell.angle_alpha   75.479
_cell.angle_beta   81.672
_cell.angle_gamma   86.504
#
_symmetry.space_group_name_H-M   'P 1'
#
loop_
_entity.id
_entity.type
_entity.pdbx_description
1 polymer 'Inosine-uridine preferring nucleoside hydrolase family protein'
2 non-polymer 1,4-DIDEOXY-4-AZA-1-(S)-(9-DEAZAHYPOXANTHIN-9-YL)-D-RIBITOL
3 non-polymer 'CALCIUM ION'
4 water water
#
_entity_poly.entity_id   1
_entity_poly.type   'polypeptide(L)'
_entity_poly.pdbx_seq_one_letter_code
;MKLWIDTDCGIDDATAILICLANPSIEIVGISCIGGNASLQNVIRNVNRTLKVWGKTDIPIFGGCQAPLVQPKMEIPHIH
GGDGLGDINDNDFGTNTPNKLEKEHAVNALIHAANTIEDLNILCLAPLTNIAIALSMAPEAILKIKHFYIMGGAENGKGN
ITPYGEFNWRADPEAAQIVLQTYPQYQTTIASWTLAVFNSFNANDYDFFNLDGNLVRRFIRETWKPIIAFDGGRICPADP
LAAFIAVYGDRAIKRAERLHLSMVLEGEKLGMSLAEPDEKGCLVVKECDAELFVKILRELQDHQ
;
_entity_poly.pdbx_strand_id   B,A,C,D
#
# COMPACT_ATOMS: atom_id res chain seq x y z
N MET A 1 -28.00 4.15 -20.35
CA MET A 1 -26.75 3.65 -19.80
C MET A 1 -26.33 2.34 -20.47
N LYS A 2 -25.23 2.39 -21.21
CA LYS A 2 -24.69 1.18 -21.82
C LYS A 2 -23.93 0.39 -20.76
N LEU A 3 -24.22 -0.91 -20.69
CA LEU A 3 -23.76 -1.73 -19.58
C LEU A 3 -23.19 -3.04 -20.07
N TRP A 4 -22.03 -3.42 -19.53
CA TRP A 4 -21.43 -4.73 -19.71
C TRP A 4 -21.55 -5.49 -18.39
N ILE A 5 -21.86 -6.78 -18.47
CA ILE A 5 -22.12 -7.59 -17.28
C ILE A 5 -21.17 -8.79 -17.30
N ASP A 6 -20.44 -8.98 -16.20
CA ASP A 6 -19.57 -10.13 -16.02
C ASP A 6 -20.12 -10.97 -14.87
N THR A 7 -20.45 -12.23 -15.16
CA THR A 7 -21.22 -13.02 -14.22
C THR A 7 -20.75 -14.47 -14.22
N ASP A 8 -20.87 -15.10 -13.04
CA ASP A 8 -20.77 -16.55 -12.92
C ASP A 8 -22.17 -17.12 -12.69
N CYS A 9 -23.06 -16.72 -13.59
CA CYS A 9 -24.50 -16.70 -13.38
C CYS A 9 -24.98 -17.84 -12.49
N GLY A 10 -25.00 -17.57 -11.20
CA GLY A 10 -25.72 -18.34 -10.24
C GLY A 10 -27.13 -17.80 -10.05
N ILE A 11 -27.73 -18.15 -8.92
CA ILE A 11 -29.13 -17.81 -8.68
C ILE A 11 -29.32 -16.31 -8.58
N ASP A 12 -28.54 -15.64 -7.73
CA ASP A 12 -28.71 -14.21 -7.55
C ASP A 12 -28.19 -13.42 -8.76
N ASP A 13 -27.19 -13.95 -9.46
CA ASP A 13 -26.75 -13.35 -10.72
C ASP A 13 -27.93 -13.17 -11.67
N ALA A 14 -28.70 -14.24 -11.88
CA ALA A 14 -29.77 -14.23 -12.87
C ALA A 14 -30.83 -13.20 -12.51
N THR A 15 -31.18 -13.10 -11.23
CA THR A 15 -32.10 -12.05 -10.79
C THR A 15 -31.50 -10.67 -11.02
N ALA A 16 -30.18 -10.53 -10.91
CA ALA A 16 -29.56 -9.23 -11.19
C ALA A 16 -29.64 -8.90 -12.67
N ILE A 17 -29.47 -9.90 -13.54
CA ILE A 17 -29.57 -9.67 -14.97
C ILE A 17 -31.00 -9.28 -15.35
N LEU A 18 -32.01 -9.84 -14.65
CA LEU A 18 -33.39 -9.45 -14.92
C LEU A 18 -33.65 -8.01 -14.48
N ILE A 19 -33.00 -7.54 -13.42
CA ILE A 19 -33.15 -6.15 -13.00
C ILE A 19 -32.68 -5.21 -14.10
N CYS A 20 -31.52 -5.53 -14.70
CA CYS A 20 -31.01 -4.74 -15.81
C CYS A 20 -31.87 -4.93 -17.06
N LEU A 21 -32.37 -6.15 -17.28
CA LEU A 21 -33.26 -6.39 -18.41
C LEU A 21 -34.57 -5.62 -18.26
N ALA A 22 -35.03 -5.42 -17.02
CA ALA A 22 -36.34 -4.84 -16.80
C ALA A 22 -36.38 -3.31 -16.91
N ASN A 23 -35.23 -2.64 -16.84
CA ASN A 23 -35.21 -1.18 -16.93
C ASN A 23 -34.90 -0.76 -18.36
N PRO A 24 -35.79 -0.04 -19.03
CA PRO A 24 -35.57 0.30 -20.44
C PRO A 24 -34.50 1.35 -20.66
N SER A 25 -34.04 2.05 -19.62
CA SER A 25 -32.92 2.97 -19.77
C SER A 25 -31.57 2.28 -19.68
N ILE A 26 -31.54 0.95 -19.69
CA ILE A 26 -30.31 0.18 -19.61
C ILE A 26 -30.12 -0.58 -20.91
N GLU A 27 -28.95 -0.40 -21.52
CA GLU A 27 -28.55 -1.14 -22.70
C GLU A 27 -27.48 -2.14 -22.25
N ILE A 28 -27.79 -3.43 -22.33
CA ILE A 28 -26.81 -4.47 -22.06
C ILE A 28 -26.12 -4.79 -23.38
N VAL A 29 -24.85 -4.40 -23.51
CA VAL A 29 -24.14 -4.56 -24.77
C VAL A 29 -23.47 -5.93 -24.90
N GLY A 30 -23.33 -6.67 -23.81
CA GLY A 30 -22.71 -7.99 -23.86
C GLY A 30 -22.52 -8.57 -22.49
N ILE A 31 -22.46 -9.90 -22.39
CA ILE A 31 -22.36 -10.58 -21.10
C ILE A 31 -21.15 -11.50 -21.15
N SER A 32 -20.19 -11.26 -20.27
CA SER A 32 -19.02 -12.13 -20.14
C SER A 32 -19.27 -13.16 -19.05
N CYS A 33 -18.74 -14.35 -19.27
CA CYS A 33 -18.96 -15.50 -18.40
C CYS A 33 -17.65 -15.93 -17.76
N ILE A 34 -17.74 -16.44 -16.53
CA ILE A 34 -16.58 -16.92 -15.80
C ILE A 34 -17.05 -17.98 -14.82
N GLY A 35 -16.19 -18.96 -14.57
CA GLY A 35 -16.47 -19.93 -13.53
C GLY A 35 -16.44 -19.29 -12.15
N GLY A 36 -17.16 -19.91 -11.22
CA GLY A 36 -17.28 -19.36 -9.88
C GLY A 36 -18.28 -20.13 -9.06
N ASN A 37 -19.52 -19.65 -9.04
CA ASN A 37 -20.61 -20.41 -8.45
C ASN A 37 -20.67 -21.81 -9.05
N ALA A 38 -20.71 -21.89 -10.37
CA ALA A 38 -20.61 -23.17 -11.07
C ALA A 38 -19.49 -23.09 -12.11
N SER A 39 -19.39 -24.10 -12.97
CA SER A 39 -18.36 -24.12 -14.01
C SER A 39 -18.77 -23.23 -15.18
N LEU A 40 -17.77 -22.86 -15.99
CA LEU A 40 -18.01 -21.90 -17.08
C LEU A 40 -19.09 -22.38 -18.03
N GLN A 41 -19.10 -23.67 -18.35
CA GLN A 41 -20.12 -24.20 -19.24
C GLN A 41 -21.50 -24.06 -18.62
N ASN A 42 -21.61 -24.25 -17.30
CA ASN A 42 -22.91 -24.08 -16.64
C ASN A 42 -23.32 -22.61 -16.64
N VAL A 43 -22.35 -21.71 -16.42
CA VAL A 43 -22.64 -20.27 -16.45
C VAL A 43 -23.21 -19.86 -17.80
N ILE A 44 -22.61 -20.35 -18.88
CA ILE A 44 -23.04 -19.98 -20.23
C ILE A 44 -24.49 -20.37 -20.46
N ARG A 45 -24.87 -21.58 -20.04
CA ARG A 45 -26.26 -22.04 -20.17
C ARG A 45 -27.19 -21.32 -19.20
N ASN A 46 -26.70 -20.98 -18.01
CA ASN A 46 -27.49 -20.21 -17.07
C ASN A 46 -27.83 -18.83 -17.60
N VAL A 47 -26.87 -18.15 -18.20
CA VAL A 47 -27.19 -16.86 -18.82
C VAL A 47 -28.20 -17.07 -19.95
N ASN A 48 -27.98 -18.09 -20.78
CA ASN A 48 -28.93 -18.41 -21.84
C ASN A 48 -30.32 -18.70 -21.26
N ARG A 49 -30.39 -19.51 -20.20
CA ARG A 49 -31.67 -19.74 -19.54
C ARG A 49 -32.29 -18.43 -19.08
N THR A 50 -31.48 -17.53 -18.52
CA THR A 50 -31.99 -16.25 -18.02
C THR A 50 -32.55 -15.40 -19.15
N LEU A 51 -31.79 -15.27 -20.25
CA LEU A 51 -32.25 -14.44 -21.36
C LEU A 51 -33.49 -15.04 -22.02
N LYS A 52 -33.54 -16.37 -22.15
CA LYS A 52 -34.69 -17.01 -22.78
C LYS A 52 -35.95 -16.83 -21.95
N VAL A 53 -35.84 -16.99 -20.63
CA VAL A 53 -37.01 -16.82 -19.76
C VAL A 53 -37.54 -15.40 -19.85
N TRP A 54 -36.63 -14.42 -19.86
CA TRP A 54 -37.06 -13.03 -19.96
C TRP A 54 -37.64 -12.73 -21.34
N GLY A 55 -37.00 -13.23 -22.39
CA GLY A 55 -37.52 -13.14 -23.73
C GLY A 55 -36.85 -12.14 -24.67
N LYS A 56 -35.59 -11.77 -24.41
CA LYS A 56 -34.82 -10.85 -25.27
C LYS A 56 -33.45 -11.47 -25.51
N THR A 57 -33.42 -12.50 -26.35
CA THR A 57 -32.20 -13.28 -26.60
C THR A 57 -31.21 -12.56 -27.51
N ASP A 58 -31.40 -11.25 -27.77
CA ASP A 58 -30.53 -10.49 -28.67
C ASP A 58 -29.34 -9.85 -27.94
N ILE A 59 -28.70 -10.55 -27.00
CA ILE A 59 -27.59 -10.05 -26.28
C ILE A 59 -26.41 -11.05 -26.40
N PRO A 60 -25.27 -10.66 -26.90
CA PRO A 60 -24.19 -11.64 -27.12
C PRO A 60 -23.61 -12.12 -25.79
N ILE A 61 -23.29 -13.42 -25.75
CA ILE A 61 -22.71 -14.06 -24.58
C ILE A 61 -21.31 -14.54 -24.95
N PHE A 62 -20.34 -14.26 -24.08
CA PHE A 62 -18.95 -14.57 -24.33
C PHE A 62 -18.40 -15.47 -23.22
N GLY A 63 -17.63 -16.49 -23.63
CA GLY A 63 -17.01 -17.37 -22.68
C GLY A 63 -15.65 -16.88 -22.23
N GLY A 64 -15.50 -16.59 -20.94
CA GLY A 64 -14.25 -16.11 -20.39
C GLY A 64 -13.25 -17.21 -20.14
N CYS A 65 -12.44 -17.03 -19.10
CA CYS A 65 -11.39 -17.98 -18.75
C CYS A 65 -11.97 -19.17 -17.99
N GLN A 66 -11.19 -20.25 -17.96
CA GLN A 66 -11.66 -21.54 -17.44
C GLN A 66 -11.23 -21.79 -16.00
N ALA A 67 -10.59 -20.83 -15.35
CA ALA A 67 -10.06 -21.02 -14.01
C ALA A 67 -9.66 -19.66 -13.46
N PRO A 68 -9.42 -19.55 -12.15
CA PRO A 68 -8.88 -18.30 -11.62
C PRO A 68 -7.48 -18.06 -12.14
N LEU A 69 -6.96 -16.87 -11.85
CA LEU A 69 -5.63 -16.48 -12.31
C LEU A 69 -4.57 -17.48 -11.85
N VAL A 70 -4.49 -17.71 -10.54
CA VAL A 70 -3.48 -18.59 -9.97
C VAL A 70 -4.14 -19.62 -9.07
N GLN A 71 -5.21 -19.23 -8.40
CA GLN A 71 -5.83 -20.11 -7.42
C GLN A 71 -6.56 -21.27 -8.09
N PRO A 72 -6.64 -22.43 -7.43
CA PRO A 72 -7.52 -23.49 -7.91
C PRO A 72 -8.98 -23.09 -7.79
N LYS A 73 -9.82 -23.73 -8.58
CA LYS A 73 -11.22 -23.32 -8.65
C LYS A 73 -11.99 -23.75 -7.40
N MET A 74 -13.18 -23.18 -7.26
CA MET A 74 -13.91 -23.11 -6.00
C MET A 74 -15.42 -23.24 -6.23
N GLU A 75 -15.85 -24.28 -6.94
CA GLU A 75 -17.27 -24.41 -7.23
C GLU A 75 -18.05 -24.77 -5.97
N ILE A 76 -19.20 -24.13 -5.81
CA ILE A 76 -20.03 -24.31 -4.62
C ILE A 76 -21.38 -24.90 -5.00
N PRO A 77 -21.44 -26.14 -5.49
CA PRO A 77 -22.75 -26.70 -5.87
C PRO A 77 -23.70 -26.88 -4.71
N HIS A 78 -23.20 -26.92 -3.47
CA HIS A 78 -24.06 -27.03 -2.31
C HIS A 78 -24.72 -25.71 -1.93
N ILE A 79 -24.56 -24.67 -2.75
CA ILE A 79 -25.18 -23.38 -2.53
C ILE A 79 -26.08 -22.97 -3.69
N HIS A 80 -25.53 -23.01 -4.90
CA HIS A 80 -26.28 -22.65 -6.10
C HIS A 80 -26.74 -23.87 -6.90
N GLY A 81 -26.56 -25.07 -6.37
CA GLY A 81 -26.99 -26.27 -7.06
C GLY A 81 -25.91 -26.85 -7.94
N GLY A 82 -26.16 -28.09 -8.39
CA GLY A 82 -25.19 -28.78 -9.23
C GLY A 82 -24.96 -28.09 -10.56
N ASP A 83 -25.96 -27.35 -11.06
CA ASP A 83 -25.84 -26.61 -12.30
C ASP A 83 -25.65 -25.11 -12.08
N GLY A 84 -25.50 -24.68 -10.83
CA GLY A 84 -25.35 -23.28 -10.52
C GLY A 84 -26.61 -22.46 -10.57
N LEU A 85 -27.76 -23.05 -10.89
CA LEU A 85 -29.02 -22.32 -10.95
C LEU A 85 -30.13 -23.05 -10.23
N GLY A 86 -29.82 -23.61 -9.05
CA GLY A 86 -30.83 -24.28 -8.25
C GLY A 86 -31.34 -25.59 -8.79
N ASP A 87 -30.66 -26.16 -9.79
CA ASP A 87 -31.03 -27.47 -10.36
C ASP A 87 -32.47 -27.46 -10.87
N ILE A 88 -32.80 -26.41 -11.63
CA ILE A 88 -34.15 -26.25 -12.17
C ILE A 88 -34.33 -27.18 -13.36
N ASN A 89 -35.57 -27.28 -13.85
CA ASN A 89 -35.92 -28.12 -14.98
C ASN A 89 -36.18 -27.23 -16.18
N ASP A 90 -35.42 -27.46 -17.27
CA ASP A 90 -35.59 -26.67 -18.48
C ASP A 90 -36.96 -26.86 -19.12
N ASN A 91 -37.63 -27.98 -18.86
CA ASN A 91 -38.98 -28.17 -19.37
C ASN A 91 -40.00 -27.32 -18.65
N ASP A 92 -39.71 -26.88 -17.42
CA ASP A 92 -40.58 -25.94 -16.73
C ASP A 92 -40.52 -24.54 -17.33
N PHE A 93 -39.62 -24.29 -18.28
CA PHE A 93 -39.42 -22.95 -18.80
C PHE A 93 -39.31 -22.88 -20.31
N GLY A 94 -39.33 -24.00 -21.02
CA GLY A 94 -39.20 -23.98 -22.46
C GLY A 94 -37.83 -23.59 -22.95
N THR A 95 -36.79 -23.85 -22.16
CA THR A 95 -35.42 -23.48 -22.50
C THR A 95 -34.60 -24.68 -22.99
N ASN A 96 -35.26 -25.73 -23.48
CA ASN A 96 -34.57 -26.88 -24.07
C ASN A 96 -34.23 -26.58 -25.54
N THR A 97 -33.52 -25.48 -25.72
CA THR A 97 -33.12 -24.97 -27.03
C THR A 97 -31.62 -24.72 -27.02
N PRO A 98 -30.99 -24.65 -28.20
CA PRO A 98 -29.55 -24.48 -28.24
C PRO A 98 -29.11 -23.15 -27.60
N ASN A 99 -27.94 -23.19 -26.97
CA ASN A 99 -27.39 -22.03 -26.29
C ASN A 99 -26.59 -21.18 -27.26
N LYS A 100 -26.70 -19.87 -27.13
CA LYS A 100 -25.93 -18.93 -27.92
C LYS A 100 -24.60 -18.64 -27.24
N LEU A 101 -23.52 -18.72 -28.01
CA LEU A 101 -22.17 -18.47 -27.50
C LEU A 101 -21.34 -17.91 -28.63
N GLU A 102 -20.86 -16.68 -28.47
CA GLU A 102 -20.09 -16.04 -29.53
C GLU A 102 -18.67 -16.60 -29.56
N LYS A 103 -18.05 -16.50 -30.74
CA LYS A 103 -16.74 -17.10 -30.96
C LYS A 103 -15.65 -16.37 -30.19
N GLU A 104 -15.76 -15.05 -30.05
CA GLU A 104 -14.69 -14.26 -29.48
C GLU A 104 -14.58 -14.48 -27.97
N HIS A 105 -13.34 -14.61 -27.50
CA HIS A 105 -13.09 -14.76 -26.07
C HIS A 105 -13.46 -13.49 -25.34
N ALA A 106 -14.04 -13.65 -24.14
CA ALA A 106 -14.65 -12.53 -23.43
C ALA A 106 -13.64 -11.42 -23.16
N VAL A 107 -12.38 -11.78 -22.86
CA VAL A 107 -11.37 -10.76 -22.59
C VAL A 107 -11.14 -9.89 -23.81
N ASN A 108 -10.99 -10.51 -24.98
CA ASN A 108 -10.86 -9.73 -26.21
C ASN A 108 -12.16 -9.02 -26.56
N ALA A 109 -13.30 -9.61 -26.22
CA ALA A 109 -14.58 -8.95 -26.47
C ALA A 109 -14.73 -7.70 -25.62
N LEU A 110 -14.34 -7.78 -24.34
CA LEU A 110 -14.49 -6.62 -23.46
C LEU A 110 -13.53 -5.51 -23.84
N ILE A 111 -12.28 -5.85 -24.16
CA ILE A 111 -11.32 -4.84 -24.59
C ILE A 111 -11.83 -4.11 -25.81
N HIS A 112 -12.41 -4.85 -26.76
CA HIS A 112 -12.96 -4.22 -27.95
C HIS A 112 -14.10 -3.28 -27.61
N ALA A 113 -15.00 -3.72 -26.70
CA ALA A 113 -16.14 -2.89 -26.34
C ALA A 113 -15.70 -1.58 -25.69
N ALA A 114 -14.73 -1.65 -24.78
CA ALA A 114 -14.19 -0.44 -24.18
C ALA A 114 -13.54 0.47 -25.21
N ASN A 115 -13.12 -0.06 -26.35
CA ASN A 115 -12.48 0.73 -27.40
C ASN A 115 -13.46 1.34 -28.38
N THR A 116 -14.67 0.78 -28.52
CA THR A 116 -15.62 1.23 -29.53
C THR A 116 -17.00 1.61 -28.99
N ILE A 117 -17.23 1.52 -27.69
CA ILE A 117 -18.53 1.89 -27.11
C ILE A 117 -18.30 3.05 -26.14
N GLU A 118 -18.98 4.17 -26.39
CA GLU A 118 -18.78 5.37 -25.58
C GLU A 118 -19.60 5.31 -24.31
N ASP A 119 -19.01 5.79 -23.21
CA ASP A 119 -19.65 5.81 -21.89
C ASP A 119 -20.07 4.41 -21.46
N LEU A 120 -19.20 3.44 -21.74
CA LEU A 120 -19.46 2.06 -21.34
C LEU A 120 -19.29 1.91 -19.83
N ASN A 121 -20.25 1.23 -19.19
CA ASN A 121 -20.15 0.84 -17.80
C ASN A 121 -20.09 -0.68 -17.70
N ILE A 122 -19.53 -1.17 -16.60
CA ILE A 122 -19.44 -2.60 -16.37
C ILE A 122 -20.02 -2.94 -15.01
N LEU A 123 -20.80 -4.01 -14.96
CA LEU A 123 -21.30 -4.60 -13.73
C LEU A 123 -20.63 -5.95 -13.56
N CYS A 124 -19.85 -6.10 -12.49
CA CYS A 124 -19.04 -7.30 -12.27
C CYS A 124 -19.67 -8.09 -11.13
N LEU A 125 -20.21 -9.27 -11.44
CA LEU A 125 -20.97 -10.05 -10.46
C LEU A 125 -20.29 -11.35 -10.07
N ALA A 126 -18.98 -11.44 -10.23
CA ALA A 126 -18.29 -12.72 -10.21
C ALA A 126 -16.82 -12.47 -9.93
N PRO A 127 -16.04 -13.56 -9.76
CA PRO A 127 -14.60 -13.50 -9.50
C PRO A 127 -13.87 -12.64 -10.53
N LEU A 128 -12.93 -11.82 -10.06
CA LEU A 128 -12.17 -10.95 -10.94
C LEU A 128 -11.13 -11.73 -11.75
N THR A 129 -11.58 -12.35 -12.83
CA THR A 129 -10.70 -13.13 -13.69
C THR A 129 -10.62 -12.49 -15.07
N ASN A 130 -11.74 -12.46 -15.78
CA ASN A 130 -11.80 -11.86 -17.11
C ASN A 130 -11.37 -10.40 -17.08
N ILE A 131 -11.76 -9.68 -16.03
CA ILE A 131 -11.49 -8.25 -15.97
C ILE A 131 -10.02 -7.98 -15.71
N ALA A 132 -9.41 -8.75 -14.80
CA ALA A 132 -7.99 -8.56 -14.48
C ALA A 132 -7.12 -8.90 -15.68
N ILE A 133 -7.42 -9.99 -16.37
CA ILE A 133 -6.69 -10.35 -17.59
C ILE A 133 -6.76 -9.22 -18.61
N ALA A 134 -7.94 -8.59 -18.73
CA ALA A 134 -8.11 -7.53 -19.71
C ALA A 134 -7.42 -6.24 -19.28
N LEU A 135 -7.29 -5.99 -17.98
CA LEU A 135 -6.53 -4.83 -17.52
C LEU A 135 -5.03 -5.06 -17.70
N SER A 136 -4.59 -6.31 -17.65
CA SER A 136 -3.18 -6.60 -17.87
C SER A 136 -2.81 -6.46 -19.35
N MET A 137 -3.66 -6.96 -20.23
CA MET A 137 -3.34 -6.93 -21.66
C MET A 137 -3.45 -5.52 -22.22
N ALA A 138 -4.51 -4.79 -21.87
CA ALA A 138 -4.80 -3.49 -22.47
C ALA A 138 -5.34 -2.55 -21.40
N PRO A 139 -4.47 -2.04 -20.53
CA PRO A 139 -4.94 -1.06 -19.54
C PRO A 139 -5.47 0.21 -20.16
N GLU A 140 -4.86 0.68 -21.25
CA GLU A 140 -5.33 1.87 -21.94
C GLU A 140 -6.75 1.67 -22.46
N ALA A 141 -7.14 0.44 -22.78
CA ALA A 141 -8.48 0.17 -23.26
C ALA A 141 -9.51 0.17 -22.13
N ILE A 142 -9.26 -0.64 -21.10
CA ILE A 142 -10.26 -0.80 -20.04
C ILE A 142 -10.40 0.47 -19.22
N LEU A 143 -9.36 1.30 -19.17
CA LEU A 143 -9.50 2.57 -18.44
C LEU A 143 -10.42 3.55 -19.16
N LYS A 144 -10.82 3.24 -20.40
CA LYS A 144 -11.84 4.03 -21.09
C LYS A 144 -13.24 3.81 -20.51
N ILE A 145 -13.40 2.93 -19.53
CA ILE A 145 -14.72 2.58 -19.04
C ILE A 145 -15.18 3.61 -18.02
N LYS A 146 -16.41 4.09 -18.19
CA LYS A 146 -16.91 5.22 -17.41
C LYS A 146 -16.94 4.91 -15.92
N HIS A 147 -17.49 3.75 -15.55
CA HIS A 147 -17.62 3.40 -14.13
C HIS A 147 -17.57 1.89 -13.96
N PHE A 148 -17.17 1.47 -12.77
CA PHE A 148 -17.10 0.07 -12.38
C PHE A 148 -18.05 -0.17 -11.23
N TYR A 149 -18.98 -1.11 -11.41
CA TYR A 149 -19.88 -1.54 -10.35
C TYR A 149 -19.58 -3.00 -10.05
N ILE A 150 -19.11 -3.29 -8.84
CA ILE A 150 -18.56 -4.60 -8.51
C ILE A 150 -19.26 -5.15 -7.28
N MET A 151 -19.80 -6.36 -7.40
CA MET A 151 -20.21 -7.15 -6.24
C MET A 151 -19.00 -7.92 -5.73
N GLY A 152 -18.62 -7.67 -4.49
CA GLY A 152 -17.50 -8.40 -3.93
C GLY A 152 -16.97 -7.74 -2.68
N GLY A 153 -16.13 -8.50 -1.97
CA GLY A 153 -15.46 -8.00 -0.80
C GLY A 153 -16.39 -7.85 0.40
N ALA A 154 -15.78 -7.45 1.52
CA ALA A 154 -16.51 -7.16 2.75
C ALA A 154 -15.61 -6.27 3.60
N GLU A 155 -15.95 -4.98 3.69
CA GLU A 155 -15.12 -4.05 4.46
C GLU A 155 -15.17 -4.33 5.96
N ASN A 156 -16.17 -5.09 6.42
CA ASN A 156 -16.19 -5.50 7.82
C ASN A 156 -15.09 -6.50 8.13
N GLY A 157 -14.65 -7.25 7.13
CA GLY A 157 -13.85 -8.43 7.39
C GLY A 157 -14.66 -9.66 7.69
N LYS A 158 -15.96 -9.63 7.40
CA LYS A 158 -16.87 -10.75 7.63
C LYS A 158 -17.27 -11.31 6.27
N GLY A 159 -16.68 -12.46 5.91
CA GLY A 159 -16.97 -13.10 4.66
C GLY A 159 -18.02 -14.20 4.80
N ASN A 160 -18.26 -14.88 3.68
CA ASN A 160 -19.13 -16.04 3.65
C ASN A 160 -18.34 -17.34 3.45
N ILE A 161 -17.60 -17.44 2.34
CA ILE A 161 -16.90 -18.68 2.03
C ILE A 161 -15.78 -18.94 3.03
N THR A 162 -15.13 -17.89 3.52
CA THR A 162 -14.21 -17.94 4.65
C THR A 162 -14.69 -16.93 5.68
N PRO A 163 -14.30 -17.09 6.94
CA PRO A 163 -14.65 -16.05 7.93
C PRO A 163 -14.24 -14.66 7.53
N TYR A 164 -13.21 -14.52 6.67
CA TYR A 164 -12.62 -13.23 6.36
C TYR A 164 -12.86 -12.76 4.93
N GLY A 165 -13.25 -13.64 4.02
CA GLY A 165 -13.29 -13.32 2.61
C GLY A 165 -14.66 -13.52 1.99
N GLU A 166 -15.07 -12.55 1.18
CA GLU A 166 -16.23 -12.71 0.31
C GLU A 166 -15.82 -13.58 -0.88
N PHE A 167 -16.81 -14.32 -1.42
CA PHE A 167 -16.52 -15.42 -2.34
C PHE A 167 -15.81 -14.94 -3.60
N ASN A 168 -16.36 -13.94 -4.28
CA ASN A 168 -15.83 -13.53 -5.58
C ASN A 168 -14.38 -13.09 -5.47
N TRP A 169 -14.06 -12.32 -4.44
CA TRP A 169 -12.69 -11.83 -4.26
C TRP A 169 -11.78 -12.87 -3.63
N ARG A 170 -12.35 -13.83 -2.88
CA ARG A 170 -11.56 -14.94 -2.37
C ARG A 170 -11.30 -15.98 -3.45
N ALA A 171 -12.23 -16.13 -4.40
CA ALA A 171 -12.04 -17.10 -5.48
C ALA A 171 -10.89 -16.70 -6.40
N ASP A 172 -10.62 -15.40 -6.54
CA ASP A 172 -9.50 -14.91 -7.35
C ASP A 172 -8.98 -13.62 -6.73
N PRO A 173 -8.23 -13.71 -5.63
CA PRO A 173 -7.78 -12.48 -4.97
C PRO A 173 -6.80 -11.67 -5.79
N GLU A 174 -5.88 -12.33 -6.49
CA GLU A 174 -4.96 -11.62 -7.37
C GLU A 174 -5.71 -10.79 -8.41
N ALA A 175 -6.76 -11.37 -8.99
CA ALA A 175 -7.58 -10.61 -9.93
C ALA A 175 -8.28 -9.44 -9.25
N ALA A 176 -8.73 -9.63 -8.01
CA ALA A 176 -9.33 -8.52 -7.28
C ALA A 176 -8.30 -7.45 -6.99
N GLN A 177 -7.08 -7.85 -6.63
CA GLN A 177 -6.02 -6.86 -6.43
C GLN A 177 -5.66 -6.16 -7.72
N ILE A 178 -5.72 -6.87 -8.85
CA ILE A 178 -5.37 -6.25 -10.12
C ILE A 178 -6.36 -5.14 -10.47
N VAL A 179 -7.65 -5.37 -10.22
CA VAL A 179 -8.65 -4.36 -10.53
C VAL A 179 -8.50 -3.17 -9.59
N LEU A 180 -8.25 -3.42 -8.30
CA LEU A 180 -8.25 -2.36 -7.31
C LEU A 180 -7.02 -1.46 -7.40
N GLN A 181 -5.93 -1.94 -8.00
CA GLN A 181 -4.73 -1.12 -8.16
C GLN A 181 -4.52 -0.64 -9.59
N THR A 182 -5.37 -1.04 -10.53
CA THR A 182 -5.26 -0.59 -11.91
C THR A 182 -6.43 0.27 -12.35
N TYR A 183 -7.68 -0.16 -12.11
CA TYR A 183 -8.76 0.74 -12.46
C TYR A 183 -8.96 1.77 -11.35
N PRO A 184 -9.24 3.03 -11.69
CA PRO A 184 -9.45 4.05 -10.66
C PRO A 184 -10.57 3.71 -9.69
N GLN A 185 -10.21 3.50 -8.43
CA GLN A 185 -11.21 3.19 -7.40
C GLN A 185 -12.24 4.29 -7.27
N TYR A 186 -11.88 5.53 -7.60
CA TYR A 186 -12.84 6.63 -7.51
C TYR A 186 -13.99 6.43 -8.48
N GLN A 187 -13.75 5.78 -9.62
CA GLN A 187 -14.80 5.41 -10.56
C GLN A 187 -15.33 4.00 -10.29
N THR A 188 -15.29 3.55 -9.03
CA THR A 188 -15.64 2.19 -8.67
C THR A 188 -16.61 2.20 -7.50
N THR A 189 -17.73 1.51 -7.67
CA THR A 189 -18.80 1.44 -6.69
C THR A 189 -18.91 -0.02 -6.27
N ILE A 190 -18.84 -0.28 -4.95
CA ILE A 190 -18.71 -1.64 -4.40
C ILE A 190 -20.00 -2.01 -3.68
N ALA A 191 -20.57 -3.16 -4.03
CA ALA A 191 -21.69 -3.73 -3.28
C ALA A 191 -21.18 -5.01 -2.61
N SER A 192 -20.79 -4.90 -1.35
CA SER A 192 -20.04 -5.94 -0.68
C SER A 192 -20.97 -6.97 -0.05
N TRP A 193 -20.37 -8.05 0.45
CA TRP A 193 -21.14 -9.00 1.26
C TRP A 193 -21.62 -8.35 2.55
N THR A 194 -20.92 -7.32 3.01
CA THR A 194 -21.40 -6.53 4.14
C THR A 194 -22.77 -5.93 3.83
N LEU A 195 -22.88 -5.28 2.67
CA LEU A 195 -24.17 -4.73 2.25
C LEU A 195 -25.21 -5.83 2.07
N ALA A 196 -24.80 -6.99 1.57
CA ALA A 196 -25.75 -8.06 1.30
C ALA A 196 -26.37 -8.60 2.58
N VAL A 197 -25.56 -8.70 3.64
CA VAL A 197 -26.09 -9.19 4.92
C VAL A 197 -26.92 -8.11 5.60
N PHE A 198 -26.45 -6.85 5.56
CA PHE A 198 -27.16 -5.76 6.22
C PHE A 198 -28.57 -5.60 5.64
N ASN A 199 -28.67 -5.56 4.31
CA ASN A 199 -29.96 -5.43 3.64
C ASN A 199 -30.55 -6.77 3.24
N SER A 200 -30.39 -7.79 4.08
CA SER A 200 -30.95 -9.10 3.84
C SER A 200 -32.41 -9.17 4.27
N PHE A 201 -33.12 -10.15 3.72
CA PHE A 201 -34.55 -10.32 3.95
C PHE A 201 -34.84 -11.72 4.48
N ASN A 202 -35.87 -11.81 5.32
CA ASN A 202 -36.39 -13.08 5.77
C ASN A 202 -37.46 -13.55 4.79
N ALA A 203 -37.21 -14.69 4.13
CA ALA A 203 -38.09 -15.15 3.07
C ALA A 203 -39.45 -15.61 3.58
N ASN A 204 -39.66 -15.70 4.88
CA ASN A 204 -40.97 -16.03 5.41
C ASN A 204 -41.66 -14.83 6.06
N ASP A 205 -41.11 -13.63 5.89
CA ASP A 205 -41.85 -12.40 6.08
C ASP A 205 -42.03 -11.62 4.78
N TYR A 206 -41.22 -11.92 3.76
CA TYR A 206 -41.33 -11.34 2.43
C TYR A 206 -41.48 -12.47 1.41
N ASP A 207 -42.39 -12.30 0.46
CA ASP A 207 -42.70 -13.36 -0.49
C ASP A 207 -42.33 -13.02 -1.93
N PHE A 208 -41.56 -11.96 -2.16
CA PHE A 208 -41.31 -11.50 -3.53
C PHE A 208 -40.40 -12.45 -4.31
N PHE A 209 -39.78 -13.44 -3.66
CA PHE A 209 -39.12 -14.53 -4.35
C PHE A 209 -39.94 -15.82 -4.31
N ASN A 210 -41.26 -15.71 -4.20
CA ASN A 210 -42.13 -16.87 -4.07
C ASN A 210 -43.48 -16.61 -4.73
N LEU A 211 -43.48 -16.37 -6.05
CA LEU A 211 -44.70 -16.16 -6.80
C LEU A 211 -44.75 -17.09 -8.00
N ASP A 212 -45.96 -17.46 -8.41
CA ASP A 212 -46.22 -18.06 -9.72
C ASP A 212 -47.25 -17.20 -10.45
N GLY A 213 -47.62 -17.65 -11.64
CA GLY A 213 -48.52 -16.91 -12.51
C GLY A 213 -47.91 -16.51 -13.82
N ASN A 214 -46.59 -16.42 -13.90
CA ASN A 214 -45.90 -16.17 -15.17
C ASN A 214 -44.52 -16.80 -15.11
N LEU A 215 -43.85 -16.78 -16.27
CA LEU A 215 -42.56 -17.46 -16.38
C LEU A 215 -41.50 -16.83 -15.50
N VAL A 216 -41.47 -15.50 -15.43
CA VAL A 216 -40.48 -14.82 -14.61
C VAL A 216 -40.66 -15.17 -13.13
N ARG A 217 -41.91 -15.18 -12.67
CA ARG A 217 -42.19 -15.53 -11.28
C ARG A 217 -41.77 -16.97 -10.98
N ARG A 218 -42.01 -17.89 -11.92
CA ARG A 218 -41.59 -19.28 -11.73
C ARG A 218 -40.07 -19.40 -11.73
N PHE A 219 -39.40 -18.69 -12.64
CA PHE A 219 -37.94 -18.74 -12.69
C PHE A 219 -37.33 -18.21 -11.40
N ILE A 220 -37.81 -17.07 -10.91
CA ILE A 220 -37.26 -16.50 -9.68
C ILE A 220 -37.58 -17.39 -8.48
N ARG A 221 -38.79 -17.96 -8.43
CA ARG A 221 -39.16 -18.80 -7.29
C ARG A 221 -38.35 -20.09 -7.26
N GLU A 222 -38.22 -20.76 -8.40
CA GLU A 222 -37.54 -22.05 -8.44
C GLU A 222 -36.03 -21.92 -8.24
N THR A 223 -35.43 -20.87 -8.79
CA THR A 223 -33.98 -20.71 -8.64
C THR A 223 -33.60 -20.36 -7.21
N TRP A 224 -34.33 -19.42 -6.60
CA TRP A 224 -34.00 -18.99 -5.24
C TRP A 224 -34.39 -20.01 -4.18
N LYS A 225 -35.19 -21.02 -4.52
CA LYS A 225 -35.66 -21.97 -3.52
C LYS A 225 -34.53 -22.73 -2.84
N PRO A 226 -33.59 -23.38 -3.55
CA PRO A 226 -32.53 -24.10 -2.81
C PRO A 226 -31.62 -23.20 -2.00
N ILE A 227 -31.34 -22.00 -2.48
CA ILE A 227 -30.42 -21.12 -1.75
C ILE A 227 -31.12 -20.46 -0.57
N ILE A 228 -32.44 -20.28 -0.64
CA ILE A 228 -33.18 -19.76 0.51
C ILE A 228 -33.16 -20.78 1.64
N ALA A 229 -33.36 -22.05 1.31
CA ALA A 229 -33.28 -23.12 2.31
C ALA A 229 -31.87 -23.24 2.86
N PHE A 230 -30.86 -23.13 2.00
CA PHE A 230 -29.48 -23.24 2.45
C PHE A 230 -29.12 -22.12 3.42
N ASP A 231 -29.72 -20.96 3.27
CA ASP A 231 -29.41 -19.81 4.11
C ASP A 231 -30.24 -19.76 5.38
N GLY A 232 -31.19 -20.67 5.57
CA GLY A 232 -32.05 -20.65 6.73
C GLY A 232 -33.28 -19.80 6.59
N GLY A 233 -33.82 -19.66 5.38
CA GLY A 233 -34.89 -18.74 5.12
C GLY A 233 -34.44 -17.32 4.84
N ARG A 234 -33.16 -17.02 4.97
CA ARG A 234 -32.64 -15.68 4.78
C ARG A 234 -32.22 -15.48 3.32
N ILE A 235 -32.44 -14.26 2.82
CA ILE A 235 -32.05 -13.87 1.48
C ILE A 235 -31.01 -12.76 1.61
N CYS A 236 -29.79 -13.03 1.13
CA CYS A 236 -28.75 -12.01 1.02
C CYS A 236 -28.60 -11.63 -0.44
N PRO A 237 -29.39 -10.69 -0.95
CA PRO A 237 -29.43 -10.46 -2.40
C PRO A 237 -28.19 -9.75 -2.93
N ALA A 238 -27.04 -10.42 -2.86
CA ALA A 238 -25.76 -9.75 -3.14
C ALA A 238 -25.72 -9.20 -4.56
N ASP A 239 -25.83 -10.09 -5.56
CA ASP A 239 -25.77 -9.61 -6.95
C ASP A 239 -26.94 -8.71 -7.30
N PRO A 240 -28.20 -9.01 -6.94
CA PRO A 240 -29.28 -8.06 -7.23
C PRO A 240 -29.08 -6.69 -6.63
N LEU A 241 -28.49 -6.62 -5.42
CA LEU A 241 -28.20 -5.32 -4.83
C LEU A 241 -27.18 -4.54 -5.64
N ALA A 242 -26.22 -5.24 -6.26
CA ALA A 242 -25.22 -4.55 -7.08
C ALA A 242 -25.83 -4.03 -8.37
N ALA A 243 -26.72 -4.80 -8.98
CA ALA A 243 -27.42 -4.30 -10.16
C ALA A 243 -28.37 -3.16 -9.79
N PHE A 244 -29.02 -3.27 -8.63
CA PHE A 244 -29.87 -2.19 -8.14
C PHE A 244 -29.12 -0.86 -8.09
N ILE A 245 -27.89 -0.88 -7.59
CA ILE A 245 -27.11 0.35 -7.46
C ILE A 245 -26.70 0.87 -8.83
N ALA A 246 -26.30 -0.02 -9.74
CA ALA A 246 -25.84 0.41 -11.05
C ALA A 246 -26.98 0.98 -11.88
N VAL A 247 -28.15 0.37 -11.81
CA VAL A 247 -29.27 0.81 -12.63
C VAL A 247 -29.90 2.09 -12.07
N TYR A 248 -30.14 2.13 -10.76
CA TYR A 248 -30.93 3.19 -10.16
C TYR A 248 -30.08 4.27 -9.49
N GLY A 249 -28.76 4.19 -9.62
CA GLY A 249 -27.91 5.33 -9.31
C GLY A 249 -28.04 5.83 -7.89
N ASP A 250 -28.24 7.15 -7.75
CA ASP A 250 -28.23 7.78 -6.43
C ASP A 250 -29.42 7.34 -5.59
N ARG A 251 -30.60 7.23 -6.20
CA ARG A 251 -31.76 6.91 -5.37
C ARG A 251 -31.81 5.45 -4.94
N ALA A 252 -30.77 4.66 -5.22
CA ALA A 252 -30.64 3.32 -4.67
C ALA A 252 -29.82 3.29 -3.40
N ILE A 253 -29.00 4.31 -3.16
CA ILE A 253 -28.07 4.35 -2.03
C ILE A 253 -28.68 5.19 -0.91
N LYS A 254 -28.54 4.72 0.33
CA LYS A 254 -28.95 5.46 1.52
C LYS A 254 -27.78 5.98 2.33
N ARG A 255 -26.72 5.18 2.46
CA ARG A 255 -25.47 5.65 3.06
C ARG A 255 -24.31 4.97 2.36
N ALA A 256 -23.25 5.73 2.11
CA ALA A 256 -22.08 5.21 1.42
C ALA A 256 -20.82 5.85 2.00
N GLU A 257 -19.71 5.12 1.89
CA GLU A 257 -18.42 5.57 2.39
C GLU A 257 -17.42 5.58 1.26
N ARG A 258 -16.44 6.48 1.35
CA ARG A 258 -15.31 6.50 0.43
C ARG A 258 -14.13 5.80 1.10
N LEU A 259 -13.74 4.65 0.56
CA LEU A 259 -12.76 3.79 1.20
C LEU A 259 -11.78 3.26 0.17
N HIS A 260 -10.48 3.32 0.48
CA HIS A 260 -9.48 2.66 -0.33
C HIS A 260 -9.44 1.18 0.05
N LEU A 261 -9.64 0.31 -0.93
CA LEU A 261 -9.68 -1.13 -0.72
C LEU A 261 -8.41 -1.76 -1.24
N SER A 262 -7.90 -2.76 -0.51
CA SER A 262 -6.75 -3.53 -0.94
C SER A 262 -6.90 -4.96 -0.46
N MET A 263 -6.36 -5.89 -1.23
CA MET A 263 -6.56 -7.32 -1.02
C MET A 263 -5.52 -7.89 -0.07
N VAL A 264 -5.94 -8.87 0.73
CA VAL A 264 -5.02 -9.68 1.53
C VAL A 264 -4.71 -10.92 0.70
N LEU A 265 -3.47 -11.02 0.22
CA LEU A 265 -3.09 -12.00 -0.79
C LEU A 265 -2.34 -13.20 -0.20
N GLU A 266 -2.44 -13.44 1.10
CA GLU A 266 -1.79 -14.58 1.71
C GLU A 266 -2.26 -14.73 3.15
N GLY A 267 -2.02 -15.91 3.72
CA GLY A 267 -2.41 -16.19 5.08
C GLY A 267 -3.87 -16.61 5.19
N GLU A 268 -4.28 -16.85 6.44
CA GLU A 268 -5.63 -17.32 6.71
C GLU A 268 -6.69 -16.30 6.32
N LYS A 269 -6.31 -15.02 6.18
CA LYS A 269 -7.24 -13.99 5.73
C LYS A 269 -7.17 -13.75 4.22
N LEU A 270 -6.69 -14.72 3.45
CA LEU A 270 -6.64 -14.59 2.00
C LEU A 270 -8.02 -14.25 1.45
N GLY A 271 -8.07 -13.22 0.61
CA GLY A 271 -9.32 -12.74 0.06
C GLY A 271 -9.97 -11.61 0.82
N MET A 272 -9.45 -11.26 2.00
CA MET A 272 -10.06 -10.20 2.78
C MET A 272 -9.78 -8.84 2.14
N SER A 273 -10.82 -8.02 2.06
CA SER A 273 -10.69 -6.65 1.56
C SER A 273 -10.45 -5.71 2.74
N LEU A 274 -9.22 -5.22 2.87
CA LEU A 274 -8.94 -4.19 3.85
C LEU A 274 -9.52 -2.86 3.37
N ALA A 275 -10.10 -2.11 4.29
CA ALA A 275 -10.68 -0.81 3.98
C ALA A 275 -10.06 0.25 4.87
N GLU A 276 -9.89 1.46 4.31
CA GLU A 276 -9.37 2.60 5.03
C GLU A 276 -9.93 3.85 4.39
N PRO A 277 -10.28 4.88 5.15
CA PRO A 277 -10.93 6.06 4.56
C PRO A 277 -10.03 6.75 3.54
N ASP A 278 -10.64 7.18 2.44
CA ASP A 278 -9.95 7.84 1.34
C ASP A 278 -10.98 8.41 0.38
N GLU A 279 -10.95 9.73 0.16
CA GLU A 279 -11.93 10.36 -0.72
C GLU A 279 -11.68 10.07 -2.19
N LYS A 280 -10.64 9.28 -2.52
CA LYS A 280 -10.38 8.87 -3.89
C LYS A 280 -10.50 7.37 -4.07
N GLY A 281 -10.92 6.65 -3.04
CA GLY A 281 -11.17 5.22 -3.13
C GLY A 281 -12.55 4.90 -3.66
N CYS A 282 -12.97 3.65 -3.43
CA CYS A 282 -14.25 3.16 -3.92
C CYS A 282 -15.42 3.66 -3.08
N LEU A 283 -16.51 3.98 -3.76
CA LEU A 283 -17.78 4.25 -3.09
C LEU A 283 -18.33 2.91 -2.59
N VAL A 284 -18.18 2.65 -1.30
CA VAL A 284 -18.63 1.41 -0.68
C VAL A 284 -20.02 1.65 -0.10
N VAL A 285 -21.05 1.09 -0.75
CA VAL A 285 -22.42 1.29 -0.29
C VAL A 285 -22.62 0.58 1.04
N LYS A 286 -23.19 1.31 2.00
CA LYS A 286 -23.49 0.77 3.32
C LYS A 286 -24.97 0.49 3.52
N GLU A 287 -25.84 1.30 2.93
CA GLU A 287 -27.29 1.16 3.07
C GLU A 287 -27.94 1.45 1.73
N CYS A 288 -28.80 0.55 1.29
CA CYS A 288 -29.61 0.76 0.10
C CYS A 288 -31.05 1.08 0.50
N ASP A 289 -31.78 1.67 -0.44
CA ASP A 289 -33.21 1.91 -0.24
C ASP A 289 -33.91 0.57 -0.42
N ALA A 290 -34.05 -0.16 0.69
CA ALA A 290 -34.68 -1.47 0.66
C ALA A 290 -36.10 -1.40 0.12
N GLU A 291 -36.79 -0.28 0.35
CA GLU A 291 -38.17 -0.16 -0.11
C GLU A 291 -38.25 -0.10 -1.62
N LEU A 292 -37.47 0.80 -2.23
CA LEU A 292 -37.42 0.86 -3.69
C LEU A 292 -36.85 -0.44 -4.28
N PHE A 293 -36.00 -1.12 -3.52
CA PHE A 293 -35.40 -2.37 -4.00
C PHE A 293 -36.47 -3.45 -4.19
N VAL A 294 -37.26 -3.71 -3.15
CA VAL A 294 -38.33 -4.70 -3.26
C VAL A 294 -39.34 -4.28 -4.31
N LYS A 295 -39.58 -2.97 -4.43
CA LYS A 295 -40.52 -2.46 -5.43
C LYS A 295 -40.13 -2.90 -6.83
N ILE A 296 -38.89 -2.63 -7.24
CA ILE A 296 -38.46 -2.95 -8.59
C ILE A 296 -38.36 -4.45 -8.82
N LEU A 297 -38.13 -5.23 -7.76
CA LEU A 297 -38.15 -6.68 -7.90
C LEU A 297 -39.56 -7.20 -8.14
N ARG A 298 -40.56 -6.58 -7.51
CA ARG A 298 -41.93 -6.98 -7.74
C ARG A 298 -42.42 -6.53 -9.12
N GLU A 299 -41.96 -5.36 -9.58
CA GLU A 299 -42.49 -4.79 -10.81
C GLU A 299 -42.03 -5.59 -12.04
N LEU A 300 -40.83 -6.16 -12.00
CA LEU A 300 -40.39 -6.99 -13.11
C LEU A 300 -41.11 -8.34 -13.13
N GLN A 301 -41.75 -8.71 -12.03
CA GLN A 301 -42.55 -9.93 -11.94
C GLN A 301 -44.03 -9.70 -12.17
N ASP A 302 -44.47 -8.45 -12.27
CA ASP A 302 -45.89 -8.17 -12.44
C ASP A 302 -46.39 -8.71 -13.78
N HIS A 303 -47.67 -9.11 -13.79
CA HIS A 303 -48.31 -9.47 -15.05
C HIS A 303 -48.55 -8.24 -15.92
N GLN A 304 -48.84 -7.10 -15.29
CA GLN A 304 -49.25 -5.87 -15.97
C GLN A 304 -50.38 -6.15 -16.95
N MET B 1 14.51 -25.57 -36.76
CA MET B 1 13.76 -25.31 -35.54
C MET B 1 13.02 -23.98 -35.59
N LYS B 2 11.71 -24.02 -35.43
CA LYS B 2 10.90 -22.82 -35.35
C LYS B 2 10.85 -22.34 -33.90
N LEU B 3 10.94 -21.03 -33.71
CA LEU B 3 11.17 -20.49 -32.39
C LEU B 3 10.51 -19.13 -32.23
N TRP B 4 9.71 -18.99 -31.19
CA TRP B 4 9.20 -17.72 -30.71
C TRP B 4 10.09 -17.25 -29.56
N ILE B 5 10.36 -15.96 -29.51
CA ILE B 5 11.21 -15.39 -28.46
C ILE B 5 10.38 -14.38 -27.67
N ASP B 6 10.38 -14.52 -26.35
CA ASP B 6 9.78 -13.55 -25.44
C ASP B 6 10.88 -12.93 -24.62
N THR B 7 10.95 -11.60 -24.62
CA THR B 7 12.13 -10.93 -24.11
C THR B 7 11.77 -9.60 -23.45
N ASP B 8 12.60 -9.18 -22.51
CA ASP B 8 12.56 -7.84 -21.96
C ASP B 8 13.81 -7.12 -22.42
N CYS B 9 14.09 -7.21 -23.73
CA CYS B 9 15.41 -7.05 -24.31
C CYS B 9 16.26 -5.99 -23.64
N GLY B 10 16.95 -6.39 -22.59
CA GLY B 10 18.12 -5.71 -22.10
C GLY B 10 19.34 -6.22 -22.81
N ILE B 11 20.50 -5.98 -22.19
CA ILE B 11 21.78 -6.22 -22.87
C ILE B 11 21.93 -7.70 -23.21
N ASP B 12 21.80 -8.58 -22.22
CA ASP B 12 22.05 -9.99 -22.48
C ASP B 12 20.97 -10.63 -23.34
N ASP B 13 19.75 -10.06 -23.35
CA ASP B 13 18.73 -10.54 -24.27
C ASP B 13 19.17 -10.38 -25.72
N ALA B 14 19.77 -9.22 -26.04
CA ALA B 14 20.15 -8.93 -27.41
C ALA B 14 21.18 -9.92 -27.92
N THR B 15 22.19 -10.20 -27.10
CA THR B 15 23.17 -11.22 -27.46
C THR B 15 22.49 -12.58 -27.60
N ALA B 16 21.48 -12.86 -26.77
CA ALA B 16 20.76 -14.12 -26.91
C ALA B 16 19.99 -14.17 -28.22
N ILE B 17 19.30 -13.09 -28.57
CA ILE B 17 18.61 -13.03 -29.86
C ILE B 17 19.61 -13.17 -31.00
N LEU B 18 20.79 -12.58 -30.85
CA LEU B 18 21.81 -12.67 -31.89
C LEU B 18 22.31 -14.09 -32.08
N ILE B 19 22.39 -14.87 -31.00
CA ILE B 19 22.80 -16.27 -31.11
C ILE B 19 21.83 -17.04 -31.99
N CYS B 20 20.53 -16.77 -31.84
CA CYS B 20 19.52 -17.44 -32.66
C CYS B 20 19.58 -16.96 -34.10
N LEU B 21 19.79 -15.66 -34.32
CA LEU B 21 19.89 -15.14 -35.68
C LEU B 21 21.11 -15.68 -36.40
N ALA B 22 22.19 -15.98 -35.67
CA ALA B 22 23.44 -16.40 -36.27
C ALA B 22 23.46 -17.86 -36.67
N ASN B 23 22.45 -18.65 -36.29
CA ASN B 23 22.40 -20.05 -36.67
C ASN B 23 21.39 -20.23 -37.78
N PRO B 24 21.81 -20.70 -38.97
CA PRO B 24 20.87 -20.81 -40.09
C PRO B 24 19.80 -21.87 -39.89
N SER B 25 19.94 -22.75 -38.90
CA SER B 25 18.90 -23.74 -38.63
C SER B 25 17.70 -23.14 -37.90
N ILE B 26 17.80 -21.90 -37.44
CA ILE B 26 16.76 -21.28 -36.63
C ILE B 26 15.92 -20.36 -37.51
N GLU B 27 14.61 -20.49 -37.44
CA GLU B 27 13.68 -19.55 -38.04
C GLU B 27 12.89 -18.91 -36.92
N ILE B 28 13.18 -17.65 -36.64
CA ILE B 28 12.43 -16.90 -35.64
C ILE B 28 11.13 -16.43 -36.27
N VAL B 29 10.00 -16.92 -35.76
CA VAL B 29 8.70 -16.61 -36.34
C VAL B 29 8.04 -15.40 -35.70
N GLY B 30 8.58 -14.89 -34.60
CA GLY B 30 8.01 -13.74 -33.93
C GLY B 30 8.70 -13.46 -32.61
N ILE B 31 8.76 -12.19 -32.22
CA ILE B 31 9.39 -11.76 -30.98
C ILE B 31 8.35 -10.97 -30.19
N SER B 32 8.01 -11.45 -29.00
CA SER B 32 7.08 -10.77 -28.12
C SER B 32 7.85 -9.95 -27.09
N CYS B 33 7.24 -8.86 -26.65
CA CYS B 33 7.92 -7.89 -25.79
C CYS B 33 7.13 -7.73 -24.50
N ILE B 34 7.83 -7.78 -23.37
CA ILE B 34 7.23 -7.62 -22.05
C ILE B 34 8.03 -6.56 -21.29
N GLY B 35 7.35 -5.73 -20.51
CA GLY B 35 8.02 -4.69 -19.74
C GLY B 35 8.63 -5.16 -18.43
N GLY B 36 8.36 -4.42 -17.36
CA GLY B 36 8.89 -4.77 -16.04
C GLY B 36 10.14 -3.98 -15.72
N ASN B 37 11.29 -4.65 -15.66
CA ASN B 37 12.55 -4.00 -15.36
C ASN B 37 12.77 -2.86 -16.36
N ALA B 38 12.85 -3.23 -17.64
CA ALA B 38 13.00 -2.26 -18.71
C ALA B 38 11.59 -1.95 -19.18
N SER B 39 11.32 -0.70 -19.54
CA SER B 39 9.98 -0.35 -19.98
C SER B 39 9.66 -1.00 -21.32
N LEU B 40 8.37 -1.28 -21.54
CA LEU B 40 7.95 -1.97 -22.75
C LEU B 40 8.28 -1.16 -24.00
N GLN B 41 8.13 0.17 -23.93
CA GLN B 41 8.53 1.01 -25.05
C GLN B 41 10.02 0.85 -25.35
N ASN B 42 10.83 0.69 -24.28
CA ASN B 42 12.28 0.52 -24.47
C ASN B 42 12.60 -0.86 -25.03
N VAL B 43 11.87 -1.88 -24.60
CA VAL B 43 12.13 -3.24 -25.08
C VAL B 43 11.87 -3.33 -26.57
N ILE B 44 10.76 -2.74 -27.03
CA ILE B 44 10.40 -2.78 -28.45
C ILE B 44 11.48 -2.10 -29.28
N ARG B 45 12.02 -0.97 -28.79
CA ARG B 45 13.07 -0.27 -29.50
C ARG B 45 14.35 -1.12 -29.54
N ASN B 46 14.67 -1.78 -28.43
CA ASN B 46 15.92 -2.54 -28.35
C ASN B 46 15.86 -3.80 -29.20
N VAL B 47 14.68 -4.40 -29.33
CA VAL B 47 14.53 -5.51 -30.26
C VAL B 47 14.75 -5.03 -31.68
N ASN B 48 14.21 -3.85 -32.00
CA ASN B 48 14.43 -3.27 -33.33
C ASN B 48 15.90 -3.00 -33.57
N ARG B 49 16.59 -2.44 -32.58
CA ARG B 49 18.02 -2.18 -32.71
C ARG B 49 18.78 -3.46 -33.03
N THR B 50 18.47 -4.54 -32.32
CA THR B 50 19.19 -5.80 -32.52
C THR B 50 18.94 -6.37 -33.91
N LEU B 51 17.68 -6.36 -34.36
CA LEU B 51 17.38 -6.91 -35.68
C LEU B 51 17.98 -6.03 -36.79
N LYS B 52 17.96 -4.72 -36.59
CA LYS B 52 18.55 -3.82 -37.59
C LYS B 52 20.07 -3.97 -37.64
N VAL B 53 20.70 -4.15 -36.47
CA VAL B 53 22.15 -4.37 -36.46
C VAL B 53 22.49 -5.65 -37.23
N TRP B 54 21.64 -6.66 -37.12
CA TRP B 54 21.79 -7.86 -37.93
C TRP B 54 21.22 -7.61 -39.33
N GLY B 55 21.51 -8.54 -40.24
CA GLY B 55 20.98 -8.47 -41.59
C GLY B 55 19.48 -8.62 -41.73
N LYS B 56 18.95 -9.78 -41.30
CA LYS B 56 17.55 -10.12 -41.53
C LYS B 56 16.62 -9.26 -40.69
N THR B 57 15.64 -8.63 -41.35
CA THR B 57 14.68 -7.77 -40.69
C THR B 57 13.24 -8.24 -40.82
N ASP B 58 13.03 -9.48 -41.27
CA ASP B 58 11.69 -9.99 -41.55
C ASP B 58 11.12 -10.80 -40.38
N ILE B 59 11.19 -10.25 -39.19
CA ILE B 59 10.65 -10.90 -37.99
C ILE B 59 9.64 -9.95 -37.35
N PRO B 60 8.38 -10.35 -37.19
CA PRO B 60 7.40 -9.45 -36.55
C PRO B 60 7.68 -9.29 -35.07
N ILE B 61 7.52 -8.06 -34.59
CA ILE B 61 7.71 -7.72 -33.18
C ILE B 61 6.35 -7.36 -32.60
N PHE B 62 6.01 -7.98 -31.48
CA PHE B 62 4.74 -7.74 -30.81
C PHE B 62 4.97 -7.22 -29.40
N GLY B 63 4.18 -6.21 -29.02
CA GLY B 63 4.22 -5.68 -27.67
C GLY B 63 3.20 -6.41 -26.81
N GLY B 64 3.65 -6.85 -25.64
CA GLY B 64 2.77 -7.55 -24.72
C GLY B 64 2.28 -6.66 -23.60
N CYS B 65 2.42 -7.13 -22.36
CA CYS B 65 1.92 -6.40 -21.21
C CYS B 65 2.97 -5.41 -20.70
N GLN B 66 2.53 -4.48 -19.87
CA GLN B 66 3.37 -3.38 -19.42
C GLN B 66 3.92 -3.58 -18.01
N ALA B 67 3.44 -4.58 -17.28
CA ALA B 67 3.79 -4.75 -15.88
C ALA B 67 3.61 -6.21 -15.51
N PRO B 68 4.17 -6.65 -14.37
CA PRO B 68 3.81 -7.96 -13.84
C PRO B 68 2.32 -8.07 -13.60
N LEU B 69 1.85 -9.29 -13.48
CA LEU B 69 0.44 -9.54 -13.26
C LEU B 69 -0.12 -8.80 -12.04
N VAL B 70 0.51 -8.99 -10.94
CA VAL B 70 0.04 -8.41 -9.74
C VAL B 70 1.09 -7.73 -8.89
N GLN B 71 2.29 -8.26 -8.85
CA GLN B 71 3.33 -7.66 -8.06
C GLN B 71 3.82 -6.36 -8.65
N PRO B 72 4.23 -5.43 -7.82
CA PRO B 72 4.75 -4.16 -8.33
C PRO B 72 6.09 -4.35 -9.02
N LYS B 73 6.34 -3.50 -10.02
CA LYS B 73 7.55 -3.64 -10.82
C LYS B 73 8.81 -3.30 -10.05
N MET B 74 8.68 -2.61 -8.91
CA MET B 74 9.80 -2.35 -8.01
C MET B 74 10.88 -1.55 -8.73
N GLU B 75 10.81 -0.22 -8.65
CA GLU B 75 11.55 0.66 -9.55
C GLU B 75 13.02 0.27 -9.61
N ILE B 76 13.62 0.50 -10.77
CA ILE B 76 14.92 -0.04 -11.12
C ILE B 76 15.88 1.11 -11.37
N PRO B 77 16.99 1.20 -10.65
CA PRO B 77 18.07 2.13 -11.03
C PRO B 77 18.98 1.51 -12.09
N HIS B 78 18.71 1.81 -13.35
CA HIS B 78 19.40 1.19 -14.49
C HIS B 78 20.80 1.77 -14.64
N ILE B 79 21.73 1.25 -13.86
CA ILE B 79 23.10 1.77 -13.88
C ILE B 79 23.77 1.57 -15.23
N HIS B 80 23.33 0.57 -16.01
CA HIS B 80 23.91 0.32 -17.32
C HIS B 80 23.41 1.30 -18.38
N GLY B 81 22.35 2.06 -18.12
CA GLY B 81 21.81 3.00 -19.06
C GLY B 81 20.30 3.05 -18.98
N GLY B 82 19.73 4.21 -19.29
CA GLY B 82 18.30 4.40 -19.15
C GLY B 82 17.48 3.67 -20.18
N ASP B 83 18.03 3.47 -21.38
CA ASP B 83 17.29 2.82 -22.45
C ASP B 83 17.24 1.30 -22.31
N GLY B 84 17.81 0.75 -21.24
CA GLY B 84 17.83 -0.68 -21.05
C GLY B 84 18.74 -1.44 -22.00
N LEU B 85 19.55 -0.74 -22.79
CA LEU B 85 20.44 -1.40 -23.74
C LEU B 85 21.80 -0.71 -23.75
N GLY B 86 22.38 -0.55 -22.56
CA GLY B 86 23.69 0.05 -22.42
C GLY B 86 23.78 1.51 -22.81
N ASP B 87 22.65 2.16 -23.12
CA ASP B 87 22.63 3.56 -23.53
C ASP B 87 23.50 3.79 -24.76
N ILE B 88 23.38 2.90 -25.75
CA ILE B 88 24.14 3.06 -26.98
C ILE B 88 23.57 4.20 -27.81
N ASN B 89 24.40 4.70 -28.72
CA ASN B 89 24.03 5.82 -29.58
C ASN B 89 23.52 5.27 -30.92
N ASP B 90 22.26 5.57 -31.24
CA ASP B 90 21.68 5.10 -32.50
C ASP B 90 22.43 5.65 -33.70
N ASN B 91 22.99 6.87 -33.58
CA ASN B 91 23.72 7.48 -34.68
C ASN B 91 25.04 6.76 -34.97
N ASP B 92 25.56 5.99 -34.02
CA ASP B 92 26.77 5.20 -34.25
C ASP B 92 26.50 3.88 -34.95
N PHE B 93 25.22 3.49 -35.10
CA PHE B 93 24.86 2.21 -35.68
C PHE B 93 23.98 2.32 -36.91
N GLY B 94 23.48 3.50 -37.24
CA GLY B 94 22.50 3.62 -38.30
C GLY B 94 21.16 3.02 -37.96
N THR B 95 20.76 3.08 -36.68
CA THR B 95 19.47 2.57 -36.23
C THR B 95 18.57 3.68 -35.72
N ASN B 96 18.88 4.93 -36.04
CA ASN B 96 17.96 6.04 -35.78
C ASN B 96 16.89 6.08 -36.89
N THR B 97 16.14 4.99 -36.94
CA THR B 97 15.11 4.73 -37.95
C THR B 97 13.83 4.33 -37.24
N PRO B 98 12.67 4.46 -37.90
CA PRO B 98 11.41 4.13 -37.24
C PRO B 98 11.36 2.68 -36.79
N ASN B 99 10.75 2.44 -35.64
CA ASN B 99 10.63 1.10 -35.09
C ASN B 99 9.43 0.37 -35.69
N LYS B 100 9.61 -0.91 -35.98
CA LYS B 100 8.53 -1.74 -36.49
C LYS B 100 7.78 -2.37 -35.34
N LEU B 101 6.44 -2.38 -35.43
CA LEU B 101 5.62 -2.91 -34.36
C LEU B 101 4.28 -3.34 -34.93
N GLU B 102 3.95 -4.63 -34.76
CA GLU B 102 2.69 -5.15 -35.24
C GLU B 102 1.52 -4.66 -34.40
N LYS B 103 0.32 -4.73 -34.97
CA LYS B 103 -0.87 -4.24 -34.28
C LYS B 103 -1.37 -5.25 -33.25
N GLU B 104 -1.22 -6.54 -33.55
CA GLU B 104 -1.73 -7.57 -32.64
C GLU B 104 -0.99 -7.55 -31.32
N HIS B 105 -1.74 -7.75 -30.23
CA HIS B 105 -1.13 -7.95 -28.93
C HIS B 105 -0.30 -9.23 -28.95
N ALA B 106 0.81 -9.21 -28.19
CA ALA B 106 1.70 -10.36 -28.16
C ALA B 106 0.97 -11.62 -27.68
N VAL B 107 0.02 -11.45 -26.76
CA VAL B 107 -0.71 -12.60 -26.21
C VAL B 107 -1.49 -13.30 -27.32
N ASN B 108 -2.26 -12.53 -28.09
CA ASN B 108 -3.06 -13.13 -29.15
C ASN B 108 -2.17 -13.67 -30.27
N ALA B 109 -1.15 -12.91 -30.68
CA ALA B 109 -0.26 -13.37 -31.74
C ALA B 109 0.47 -14.65 -31.35
N LEU B 110 0.87 -14.77 -30.08
CA LEU B 110 1.44 -16.01 -29.60
C LEU B 110 0.44 -17.15 -29.70
N ILE B 111 -0.82 -16.90 -29.32
CA ILE B 111 -1.85 -17.94 -29.39
C ILE B 111 -2.06 -18.38 -30.82
N HIS B 112 -2.16 -17.42 -31.74
CA HIS B 112 -2.35 -17.76 -33.15
C HIS B 112 -1.16 -18.55 -33.70
N ALA B 113 0.05 -18.10 -33.37
CA ALA B 113 1.25 -18.85 -33.75
C ALA B 113 1.20 -20.27 -33.19
N ALA B 114 0.80 -20.41 -31.92
CA ALA B 114 0.70 -21.73 -31.34
C ALA B 114 -0.35 -22.59 -32.05
N ASN B 115 -1.41 -21.96 -32.56
CA ASN B 115 -2.47 -22.69 -33.24
C ASN B 115 -2.12 -23.07 -34.67
N THR B 116 -1.17 -22.37 -35.30
CA THR B 116 -0.99 -22.46 -36.74
C THR B 116 0.43 -22.81 -37.18
N ILE B 117 1.37 -23.02 -36.27
CA ILE B 117 2.75 -23.32 -36.62
C ILE B 117 3.11 -24.64 -35.97
N GLU B 118 3.34 -25.67 -36.79
CA GLU B 118 3.70 -26.98 -36.27
C GLU B 118 5.12 -26.98 -35.74
N ASP B 119 5.34 -27.73 -34.67
CA ASP B 119 6.67 -27.87 -34.06
C ASP B 119 7.21 -26.51 -33.62
N LEU B 120 6.34 -25.69 -33.05
CA LEU B 120 6.77 -24.39 -32.55
C LEU B 120 7.44 -24.56 -31.19
N ASN B 121 8.60 -23.95 -31.04
CA ASN B 121 9.27 -23.82 -29.75
C ASN B 121 9.17 -22.38 -29.30
N ILE B 122 9.38 -22.17 -28.00
CA ILE B 122 9.44 -20.82 -27.45
C ILE B 122 10.65 -20.70 -26.56
N LEU B 123 11.37 -19.60 -26.69
CA LEU B 123 12.47 -19.22 -25.83
C LEU B 123 12.04 -18.00 -25.03
N CYS B 124 11.93 -18.16 -23.72
CA CYS B 124 11.47 -17.10 -22.83
C CYS B 124 12.68 -16.52 -22.10
N LEU B 125 12.91 -15.21 -22.27
CA LEU B 125 14.08 -14.55 -21.69
C LEU B 125 13.70 -13.50 -20.67
N ALA B 126 12.46 -13.50 -20.20
CA ALA B 126 11.95 -12.41 -19.39
C ALA B 126 10.96 -12.95 -18.37
N PRO B 127 10.40 -12.11 -17.50
CA PRO B 127 9.24 -12.54 -16.71
C PRO B 127 8.14 -13.06 -17.63
N LEU B 128 7.45 -14.11 -17.16
CA LEU B 128 6.55 -14.88 -18.00
C LEU B 128 5.16 -14.28 -18.11
N THR B 129 5.03 -12.97 -17.85
CA THR B 129 3.72 -12.32 -17.84
C THR B 129 2.93 -12.60 -19.12
N ASN B 130 3.56 -12.38 -20.28
CA ASN B 130 2.87 -12.64 -21.54
C ASN B 130 2.44 -14.10 -21.64
N ILE B 131 3.31 -15.02 -21.23
CA ILE B 131 3.02 -16.44 -21.41
C ILE B 131 1.88 -16.87 -20.50
N ALA B 132 1.87 -16.39 -19.27
CA ALA B 132 0.84 -16.78 -18.31
C ALA B 132 -0.54 -16.32 -18.77
N ILE B 133 -0.63 -15.13 -19.37
CA ILE B 133 -1.90 -14.64 -19.87
C ILE B 133 -2.37 -15.48 -21.05
N ALA B 134 -1.45 -15.80 -21.97
CA ALA B 134 -1.82 -16.62 -23.11
C ALA B 134 -2.26 -18.01 -22.69
N LEU B 135 -1.65 -18.55 -21.63
CA LEU B 135 -2.11 -19.83 -21.09
C LEU B 135 -3.47 -19.69 -20.42
N SER B 136 -3.79 -18.50 -19.90
CA SER B 136 -5.10 -18.27 -19.31
C SER B 136 -6.18 -18.11 -20.37
N MET B 137 -5.89 -17.30 -21.40
CA MET B 137 -6.86 -17.09 -22.48
C MET B 137 -7.12 -18.38 -23.25
N ALA B 138 -6.07 -19.09 -23.63
CA ALA B 138 -6.18 -20.25 -24.51
C ALA B 138 -5.16 -21.31 -24.11
N PRO B 139 -5.42 -22.04 -23.02
CA PRO B 139 -4.51 -23.13 -22.66
C PRO B 139 -4.39 -24.19 -23.75
N GLU B 140 -5.47 -24.41 -24.50
CA GLU B 140 -5.43 -25.41 -25.56
C GLU B 140 -4.45 -25.02 -26.66
N ALA B 141 -4.27 -23.73 -26.91
CA ALA B 141 -3.35 -23.29 -27.96
C ALA B 141 -1.90 -23.41 -27.52
N ILE B 142 -1.57 -22.83 -26.36
CA ILE B 142 -0.19 -22.82 -25.88
C ILE B 142 0.31 -24.22 -25.58
N LEU B 143 -0.60 -25.16 -25.25
CA LEU B 143 -0.17 -26.53 -24.99
C LEU B 143 0.24 -27.27 -26.25
N LYS B 144 -0.08 -26.74 -27.44
CA LYS B 144 0.42 -27.34 -28.68
C LYS B 144 1.90 -27.07 -28.89
N ILE B 145 2.46 -26.06 -28.22
CA ILE B 145 3.87 -25.72 -28.41
C ILE B 145 4.74 -26.91 -28.06
N LYS B 146 5.76 -27.16 -28.88
CA LYS B 146 6.52 -28.40 -28.78
C LYS B 146 7.40 -28.42 -27.54
N HIS B 147 8.08 -27.31 -27.22
CA HIS B 147 8.98 -27.29 -26.09
C HIS B 147 9.14 -25.87 -25.58
N PHE B 148 9.36 -25.74 -24.28
CA PHE B 148 9.59 -24.47 -23.61
C PHE B 148 11.04 -24.38 -23.17
N TYR B 149 11.73 -23.31 -23.56
CA TYR B 149 13.05 -22.99 -23.05
C TYR B 149 12.98 -21.67 -22.29
N ILE B 150 13.31 -21.72 -21.00
CA ILE B 150 13.07 -20.60 -20.10
C ILE B 150 14.36 -20.24 -19.37
N MET B 151 14.72 -18.95 -19.41
CA MET B 151 15.68 -18.41 -18.45
C MET B 151 14.92 -17.96 -17.22
N GLY B 152 15.20 -18.58 -16.09
CA GLY B 152 14.51 -18.24 -14.86
C GLY B 152 14.79 -19.25 -13.79
N GLY B 153 14.48 -18.87 -12.56
CA GLY B 153 14.55 -19.75 -11.43
C GLY B 153 15.96 -19.85 -10.86
N ALA B 154 16.01 -20.28 -9.60
CA ALA B 154 17.27 -20.53 -8.89
C ALA B 154 17.05 -21.75 -8.00
N GLU B 155 17.60 -22.88 -8.38
CA GLU B 155 17.53 -24.10 -7.60
C GLU B 155 18.80 -24.22 -6.74
N ASN B 156 18.81 -25.23 -5.88
CA ASN B 156 19.97 -25.48 -5.03
C ASN B 156 21.15 -25.97 -5.86
N GLY B 157 22.28 -25.28 -5.75
CA GLY B 157 23.53 -25.73 -6.34
C GLY B 157 24.44 -26.26 -5.26
N ILE B 161 23.11 -24.08 -2.32
CA ILE B 161 23.25 -22.77 -1.70
C ILE B 161 22.11 -21.85 -2.16
N THR B 162 21.73 -21.94 -3.46
CA THR B 162 20.80 -21.05 -4.16
C THR B 162 21.34 -19.63 -4.08
N PRO B 163 21.90 -19.12 -5.17
CA PRO B 163 22.47 -17.78 -5.13
C PRO B 163 21.39 -16.71 -5.10
N TYR B 164 21.77 -15.55 -4.57
CA TYR B 164 20.87 -14.41 -4.53
C TYR B 164 20.77 -13.77 -5.92
N GLY B 165 19.67 -13.07 -6.15
CA GLY B 165 19.55 -12.19 -7.29
C GLY B 165 18.81 -12.72 -8.49
N GLU B 166 18.15 -13.86 -8.39
CA GLU B 166 17.31 -14.33 -9.49
C GLU B 166 16.25 -13.28 -9.79
N PHE B 167 15.98 -13.04 -11.07
CA PHE B 167 15.13 -11.92 -11.44
C PHE B 167 13.84 -12.32 -12.12
N ASN B 168 13.91 -13.16 -13.16
CA ASN B 168 12.76 -13.33 -14.06
C ASN B 168 11.52 -13.82 -13.33
N TRP B 169 11.67 -14.86 -12.52
CA TRP B 169 10.50 -15.43 -11.86
C TRP B 169 10.12 -14.63 -10.62
N ARG B 170 11.12 -14.12 -9.90
CA ARG B 170 10.84 -13.25 -8.77
C ARG B 170 10.08 -12.00 -9.17
N ALA B 171 10.29 -11.52 -10.41
CA ALA B 171 9.62 -10.32 -10.87
C ALA B 171 8.13 -10.53 -11.09
N ASP B 172 7.72 -11.73 -11.52
CA ASP B 172 6.30 -12.09 -11.65
C ASP B 172 6.13 -13.52 -11.19
N PRO B 173 6.11 -13.76 -9.88
CA PRO B 173 6.01 -15.15 -9.39
C PRO B 173 4.70 -15.81 -9.75
N GLU B 174 3.61 -15.05 -9.80
CA GLU B 174 2.32 -15.62 -10.20
C GLU B 174 2.37 -16.13 -11.63
N ALA B 175 2.99 -15.37 -12.54
CA ALA B 175 3.10 -15.80 -13.92
C ALA B 175 3.95 -17.05 -14.05
N ALA B 176 5.07 -17.11 -13.31
CA ALA B 176 5.89 -18.31 -13.33
C ALA B 176 5.11 -19.51 -12.81
N GLN B 177 4.27 -19.30 -11.81
CA GLN B 177 3.45 -20.40 -11.30
C GLN B 177 2.42 -20.84 -12.33
N ILE B 178 1.83 -19.89 -13.06
CA ILE B 178 0.86 -20.24 -14.10
C ILE B 178 1.53 -21.09 -15.18
N VAL B 179 2.76 -20.73 -15.56
CA VAL B 179 3.46 -21.53 -16.56
C VAL B 179 3.83 -22.90 -15.97
N LEU B 180 4.35 -22.92 -14.74
CA LEU B 180 4.84 -24.17 -14.18
C LEU B 180 3.71 -25.13 -13.80
N GLN B 181 2.48 -24.63 -13.66
CA GLN B 181 1.34 -25.46 -13.30
C GLN B 181 0.45 -25.82 -14.48
N THR B 182 0.70 -25.24 -15.66
CA THR B 182 -0.14 -25.47 -16.82
C THR B 182 0.61 -26.10 -17.99
N TYR B 183 1.78 -25.58 -18.33
CA TYR B 183 2.52 -26.22 -19.43
C TYR B 183 3.34 -27.37 -18.88
N PRO B 184 3.36 -28.52 -19.55
CA PRO B 184 4.01 -29.71 -18.96
C PRO B 184 5.49 -29.46 -18.73
N GLN B 185 5.92 -29.71 -17.49
CA GLN B 185 7.30 -29.46 -17.13
C GLN B 185 8.25 -30.42 -17.83
N TYR B 186 7.76 -31.62 -18.21
CA TYR B 186 8.63 -32.52 -18.96
C TYR B 186 9.06 -31.91 -20.28
N GLN B 187 8.19 -31.11 -20.91
CA GLN B 187 8.52 -30.44 -22.15
C GLN B 187 9.17 -29.07 -21.92
N THR B 188 9.70 -28.83 -20.71
CA THR B 188 10.25 -27.54 -20.33
C THR B 188 11.71 -27.71 -19.94
N THR B 189 12.57 -26.84 -20.49
CA THR B 189 14.00 -26.86 -20.21
C THR B 189 14.38 -25.53 -19.57
N ILE B 190 15.10 -25.60 -18.45
CA ILE B 190 15.39 -24.42 -17.64
C ILE B 190 16.89 -24.14 -17.71
N ALA B 191 17.22 -22.91 -18.09
CA ALA B 191 18.56 -22.34 -17.89
C ALA B 191 18.44 -21.39 -16.70
N SER B 192 18.88 -21.85 -15.53
CA SER B 192 18.54 -21.18 -14.29
C SER B 192 19.59 -20.13 -13.90
N TRP B 193 19.20 -19.24 -12.98
CA TRP B 193 20.15 -18.27 -12.44
C TRP B 193 21.30 -18.96 -11.73
N THR B 194 21.05 -20.13 -11.16
CA THR B 194 22.14 -20.94 -10.62
C THR B 194 23.11 -21.34 -11.72
N LEU B 195 22.60 -21.65 -12.91
CA LEU B 195 23.46 -21.99 -14.04
C LEU B 195 24.25 -20.77 -14.51
N ALA B 196 23.58 -19.61 -14.58
CA ALA B 196 24.27 -18.37 -14.94
C ALA B 196 25.43 -18.10 -13.99
N VAL B 197 25.17 -18.17 -12.68
CA VAL B 197 26.22 -17.95 -11.69
C VAL B 197 27.28 -19.02 -11.78
N PHE B 198 26.92 -20.25 -12.18
CA PHE B 198 27.88 -21.34 -12.21
C PHE B 198 28.84 -21.23 -13.39
N ASN B 199 28.39 -20.68 -14.51
CA ASN B 199 29.22 -20.50 -15.70
C ASN B 199 29.65 -19.04 -15.85
N SER B 200 29.91 -18.37 -14.74
CA SER B 200 30.34 -16.99 -14.77
C SER B 200 31.84 -16.91 -15.07
N PHE B 201 32.22 -15.85 -15.78
CA PHE B 201 33.60 -15.65 -16.22
C PHE B 201 33.91 -14.17 -16.21
N ASN B 202 35.19 -13.84 -16.34
CA ASN B 202 35.64 -12.46 -16.45
C ASN B 202 35.90 -12.14 -17.91
N ALA B 203 35.13 -11.19 -18.45
CA ALA B 203 35.28 -10.81 -19.85
C ALA B 203 36.67 -10.24 -20.15
N ASN B 204 37.39 -9.76 -19.14
CA ASN B 204 38.73 -9.25 -19.36
C ASN B 204 39.76 -10.35 -19.57
N ASP B 205 39.39 -11.61 -19.35
CA ASP B 205 40.23 -12.74 -19.72
C ASP B 205 40.01 -13.19 -21.15
N TYR B 206 39.04 -12.59 -21.84
CA TYR B 206 38.76 -12.90 -23.23
C TYR B 206 38.74 -11.63 -24.06
N ASP B 207 38.35 -11.73 -25.32
CA ASP B 207 38.26 -10.57 -26.20
C ASP B 207 36.98 -10.52 -27.00
N PHE B 208 36.08 -11.50 -26.86
CA PHE B 208 34.92 -11.61 -27.74
C PHE B 208 33.79 -10.67 -27.36
N PHE B 209 33.94 -9.87 -26.30
CA PHE B 209 33.04 -8.76 -26.02
C PHE B 209 33.72 -7.42 -26.26
N ASN B 210 34.88 -7.41 -26.89
CA ASN B 210 35.63 -6.19 -27.17
C ASN B 210 36.33 -6.29 -28.53
N LEU B 211 35.55 -6.52 -29.58
CA LEU B 211 36.07 -6.56 -30.95
C LEU B 211 35.52 -5.38 -31.74
N ASP B 212 36.13 -5.16 -32.92
CA ASP B 212 35.61 -4.21 -33.89
C ASP B 212 35.90 -4.75 -35.28
N GLY B 213 35.32 -4.08 -36.28
CA GLY B 213 35.47 -4.54 -37.64
C GLY B 213 34.16 -4.64 -38.38
N ASN B 214 33.06 -4.82 -37.65
CA ASN B 214 31.74 -4.81 -38.25
C ASN B 214 30.74 -4.25 -37.26
N LEU B 215 29.50 -4.10 -37.73
CA LEU B 215 28.44 -3.48 -36.93
C LEU B 215 28.06 -4.37 -35.74
N VAL B 216 27.95 -5.68 -35.96
CA VAL B 216 27.57 -6.58 -34.88
C VAL B 216 28.64 -6.60 -33.79
N ARG B 217 29.92 -6.58 -34.20
CA ARG B 217 31.01 -6.54 -33.23
C ARG B 217 30.95 -5.26 -32.39
N ARG B 218 30.67 -4.13 -33.03
CA ARG B 218 30.55 -2.88 -32.27
C ARG B 218 29.34 -2.93 -31.34
N PHE B 219 28.25 -3.53 -31.79
CA PHE B 219 27.06 -3.68 -30.96
C PHE B 219 27.36 -4.50 -29.71
N ILE B 220 28.04 -5.64 -29.88
CA ILE B 220 28.38 -6.49 -28.74
C ILE B 220 29.27 -5.73 -27.77
N ARG B 221 30.25 -5.01 -28.29
CA ARG B 221 31.20 -4.31 -27.43
C ARG B 221 30.55 -3.15 -26.69
N GLU B 222 29.67 -2.40 -27.35
CA GLU B 222 29.08 -1.23 -26.73
C GLU B 222 27.95 -1.57 -25.77
N THR B 223 27.19 -2.64 -26.04
CA THR B 223 26.12 -3.02 -25.11
C THR B 223 26.69 -3.63 -23.84
N TRP B 224 27.74 -4.44 -23.96
CA TRP B 224 28.32 -5.09 -22.80
C TRP B 224 29.31 -4.21 -22.04
N LYS B 225 29.78 -3.11 -22.66
CA LYS B 225 30.72 -2.20 -22.03
C LYS B 225 30.36 -1.80 -20.61
N PRO B 226 29.16 -1.31 -20.30
CA PRO B 226 28.87 -0.90 -18.91
C PRO B 226 28.81 -2.06 -17.94
N ILE B 227 28.38 -3.25 -18.38
CA ILE B 227 28.37 -4.40 -17.48
C ILE B 227 29.80 -4.79 -17.12
N ILE B 228 30.69 -4.83 -18.12
CA ILE B 228 32.09 -5.14 -17.87
C ILE B 228 32.71 -4.11 -16.92
N ALA B 229 32.40 -2.84 -17.12
CA ALA B 229 33.04 -1.78 -16.32
C ALA B 229 32.63 -1.88 -14.86
N PHE B 230 31.32 -1.91 -14.60
CA PHE B 230 30.81 -1.69 -13.25
C PHE B 230 30.90 -2.91 -12.35
N ASP B 231 31.39 -4.05 -12.85
CA ASP B 231 31.41 -5.27 -12.05
C ASP B 231 32.72 -6.02 -12.22
N GLY B 232 33.82 -5.30 -12.35
CA GLY B 232 35.14 -5.89 -12.39
C GLY B 232 35.39 -6.86 -13.53
N GLY B 233 34.50 -6.84 -14.52
CA GLY B 233 34.58 -7.76 -15.64
C GLY B 233 33.78 -9.02 -15.48
N ARG B 234 33.20 -9.27 -14.31
CA ARG B 234 32.52 -10.53 -14.11
C ARG B 234 31.16 -10.51 -14.79
N ILE B 235 30.84 -11.63 -15.44
CA ILE B 235 29.65 -11.82 -16.27
C ILE B 235 29.04 -13.15 -15.87
N CYS B 236 27.74 -13.14 -15.51
CA CYS B 236 26.98 -14.35 -15.28
C CYS B 236 26.03 -14.53 -16.47
N PRO B 237 26.45 -15.24 -17.53
CA PRO B 237 25.62 -15.28 -18.74
C PRO B 237 24.32 -16.03 -18.52
N ALA B 238 23.21 -15.29 -18.49
CA ALA B 238 21.90 -15.91 -18.30
C ALA B 238 21.22 -16.14 -19.64
N ASP B 239 20.74 -15.06 -20.27
CA ASP B 239 20.00 -15.21 -21.53
C ASP B 239 20.82 -15.82 -22.66
N PRO B 240 22.09 -15.44 -22.89
CA PRO B 240 22.86 -16.14 -23.93
C PRO B 240 22.95 -17.64 -23.70
N LEU B 241 23.06 -18.07 -22.43
CA LEU B 241 23.09 -19.49 -22.13
C LEU B 241 21.76 -20.16 -22.48
N ALA B 242 20.64 -19.48 -22.23
CA ALA B 242 19.33 -20.04 -22.56
C ALA B 242 19.16 -20.17 -24.06
N ALA B 243 19.55 -19.15 -24.81
CA ALA B 243 19.54 -19.26 -26.27
C ALA B 243 20.49 -20.36 -26.72
N PHE B 244 21.69 -20.42 -26.13
CA PHE B 244 22.65 -21.46 -26.46
C PHE B 244 22.06 -22.85 -26.26
N ILE B 245 21.26 -23.02 -25.21
CA ILE B 245 20.65 -24.33 -24.93
C ILE B 245 19.50 -24.59 -25.89
N ALA B 246 18.63 -23.61 -26.10
CA ALA B 246 17.54 -23.76 -27.05
C ALA B 246 18.05 -24.07 -28.45
N VAL B 247 19.13 -23.42 -28.86
CA VAL B 247 19.57 -23.52 -30.25
C VAL B 247 20.37 -24.79 -30.50
N TYR B 248 21.21 -25.19 -29.55
CA TYR B 248 22.14 -26.29 -29.78
C TYR B 248 21.78 -27.58 -29.04
N GLY B 249 20.76 -27.56 -28.20
CA GLY B 249 20.23 -28.81 -27.64
C GLY B 249 21.22 -29.54 -26.77
N ASP B 250 21.23 -30.88 -26.91
CA ASP B 250 22.10 -31.71 -26.09
C ASP B 250 23.58 -31.43 -26.35
N ARG B 251 23.90 -30.91 -27.54
CA ARG B 251 25.25 -30.45 -27.83
C ARG B 251 25.71 -29.41 -26.81
N ALA B 252 24.78 -28.61 -26.29
CA ALA B 252 25.09 -27.55 -25.35
C ALA B 252 25.07 -28.01 -23.90
N ILE B 253 24.54 -29.20 -23.60
CA ILE B 253 24.29 -29.64 -22.24
C ILE B 253 25.29 -30.72 -21.88
N LYS B 254 25.99 -30.53 -20.76
CA LYS B 254 26.87 -31.56 -20.21
C LYS B 254 26.19 -32.38 -19.11
N ARG B 255 25.50 -31.72 -18.19
CA ARG B 255 24.76 -32.42 -17.15
C ARG B 255 23.48 -31.63 -16.83
N ALA B 256 22.42 -32.36 -16.54
CA ALA B 256 21.15 -31.74 -16.18
C ALA B 256 20.43 -32.63 -15.17
N GLU B 257 19.44 -32.05 -14.51
CA GLU B 257 18.65 -32.74 -13.50
C GLU B 257 17.17 -32.53 -13.77
N ARG B 258 16.39 -33.61 -13.66
CA ARG B 258 14.94 -33.51 -13.78
C ARG B 258 14.37 -33.07 -12.43
N LEU B 259 13.72 -31.90 -12.42
CA LEU B 259 13.21 -31.32 -11.18
C LEU B 259 11.80 -30.77 -11.41
N HIS B 260 10.89 -31.11 -10.51
CA HIS B 260 9.58 -30.48 -10.50
C HIS B 260 9.69 -29.13 -9.78
N LEU B 261 9.11 -28.09 -10.39
CA LEU B 261 9.34 -26.74 -9.91
C LEU B 261 8.03 -26.05 -9.55
N SER B 262 8.09 -25.21 -8.52
CA SER B 262 6.95 -24.48 -8.02
C SER B 262 7.42 -23.13 -7.52
N MET B 263 6.50 -22.17 -7.47
CA MET B 263 6.78 -20.85 -6.92
C MET B 263 6.23 -20.77 -5.50
N VAL B 264 7.01 -20.16 -4.62
CA VAL B 264 6.51 -19.76 -3.30
C VAL B 264 5.84 -18.40 -3.47
N LEU B 265 4.52 -18.38 -3.25
CA LEU B 265 3.73 -17.16 -3.43
C LEU B 265 3.33 -16.51 -2.11
N GLU B 266 3.90 -16.98 -0.99
CA GLU B 266 3.47 -16.51 0.32
C GLU B 266 4.65 -16.55 1.28
N GLY B 267 4.58 -15.71 2.30
CA GLY B 267 5.56 -15.74 3.37
C GLY B 267 6.90 -15.14 2.97
N GLU B 268 7.89 -15.42 3.81
CA GLU B 268 9.20 -14.78 3.66
C GLU B 268 9.90 -15.19 2.38
N LYS B 269 9.62 -16.39 1.86
CA LYS B 269 10.28 -16.87 0.66
C LYS B 269 9.47 -16.59 -0.60
N LEU B 270 8.60 -15.58 -0.56
CA LEU B 270 7.80 -15.20 -1.72
C LEU B 270 8.70 -14.94 -2.93
N GLY B 271 8.32 -15.51 -4.06
CA GLY B 271 9.07 -15.31 -5.28
C GLY B 271 10.25 -16.25 -5.46
N MET B 272 10.59 -17.05 -4.45
CA MET B 272 11.57 -18.10 -4.62
C MET B 272 10.87 -19.36 -5.12
N SER B 273 11.66 -20.39 -5.42
CA SER B 273 11.13 -21.60 -6.03
C SER B 273 11.42 -22.82 -5.17
N LEU B 274 10.50 -23.78 -5.22
CA LEU B 274 10.72 -25.10 -4.63
C LEU B 274 11.09 -26.07 -5.74
N ALA B 275 12.15 -26.84 -5.53
CA ALA B 275 12.60 -27.82 -6.50
C ALA B 275 12.53 -29.21 -5.88
N GLU B 276 12.26 -30.20 -6.72
CA GLU B 276 12.06 -31.56 -6.23
C GLU B 276 12.37 -32.59 -7.31
N PRO B 277 13.28 -33.53 -7.03
CA PRO B 277 13.64 -34.53 -8.05
C PRO B 277 12.41 -35.28 -8.56
N ASP B 278 12.28 -35.32 -9.88
CA ASP B 278 11.09 -35.83 -10.55
C ASP B 278 11.38 -36.03 -12.03
N GLU B 279 11.29 -37.27 -12.51
CA GLU B 279 11.61 -37.56 -13.91
C GLU B 279 10.64 -36.92 -14.88
N LYS B 280 9.45 -36.53 -14.43
CA LYS B 280 8.50 -35.82 -15.28
C LYS B 280 8.53 -34.31 -15.05
N GLY B 281 9.55 -33.81 -14.35
CA GLY B 281 9.70 -32.40 -14.10
C GLY B 281 10.52 -31.71 -15.17
N CYS B 282 10.85 -30.44 -14.91
CA CYS B 282 11.64 -29.66 -15.84
C CYS B 282 13.02 -30.26 -16.02
N LEU B 283 13.55 -30.13 -17.23
CA LEU B 283 14.97 -30.39 -17.47
C LEU B 283 15.74 -29.14 -17.05
N VAL B 284 16.31 -29.17 -15.85
CA VAL B 284 17.06 -28.05 -15.29
C VAL B 284 18.53 -28.30 -15.58
N VAL B 285 19.11 -27.51 -16.49
CA VAL B 285 20.47 -27.74 -16.94
C VAL B 285 21.45 -27.34 -15.84
N LYS B 286 22.42 -28.21 -15.57
CA LYS B 286 23.39 -28.02 -14.50
C LYS B 286 24.76 -27.59 -15.02
N GLU B 287 25.21 -28.17 -16.13
CA GLU B 287 26.51 -27.83 -16.71
C GLU B 287 26.37 -27.66 -18.21
N CYS B 288 27.08 -26.69 -18.76
CA CYS B 288 27.07 -26.41 -20.19
C CYS B 288 28.43 -26.73 -20.79
N ASP B 289 28.46 -26.84 -22.12
CA ASP B 289 29.71 -26.87 -22.87
C ASP B 289 30.17 -25.42 -22.99
N ALA B 290 30.99 -24.99 -22.03
CA ALA B 290 31.42 -23.60 -22.00
C ALA B 290 32.38 -23.28 -23.13
N GLU B 291 33.24 -24.25 -23.50
CA GLU B 291 34.14 -24.05 -24.63
C GLU B 291 33.34 -23.80 -25.91
N LEU B 292 32.23 -24.52 -26.10
CA LEU B 292 31.38 -24.27 -27.25
C LEU B 292 30.62 -22.96 -27.11
N PHE B 293 30.28 -22.58 -25.88
CA PHE B 293 29.49 -21.36 -25.67
C PHE B 293 30.26 -20.13 -26.10
N VAL B 294 31.50 -19.96 -25.62
CA VAL B 294 32.28 -18.80 -26.01
C VAL B 294 32.62 -18.86 -27.49
N LYS B 295 32.80 -20.07 -28.04
CA LYS B 295 32.99 -20.20 -29.49
C LYS B 295 31.76 -19.72 -30.24
N ILE B 296 30.57 -19.99 -29.71
CA ILE B 296 29.34 -19.50 -30.33
C ILE B 296 29.27 -17.98 -30.21
N LEU B 297 29.73 -17.43 -29.09
CA LEU B 297 29.70 -15.99 -28.89
C LEU B 297 30.60 -15.27 -29.88
N ARG B 298 31.75 -15.87 -30.22
CA ARG B 298 32.64 -15.26 -31.21
C ARG B 298 32.07 -15.37 -32.61
N GLU B 299 31.48 -16.53 -32.93
CA GLU B 299 31.08 -16.81 -34.31
C GLU B 299 29.98 -15.88 -34.79
N LEU B 300 29.03 -15.53 -33.91
CA LEU B 300 27.97 -14.62 -34.31
C LEU B 300 28.52 -13.26 -34.73
N GLN B 301 29.73 -12.91 -34.30
CA GLN B 301 30.36 -11.67 -34.66
C GLN B 301 31.29 -11.79 -35.87
N ASP B 302 31.40 -12.98 -36.46
CA ASP B 302 32.20 -13.14 -37.66
C ASP B 302 31.56 -12.40 -38.84
N HIS B 303 32.40 -11.99 -39.79
CA HIS B 303 31.90 -11.47 -41.04
C HIS B 303 31.09 -12.55 -41.75
N GLN B 304 29.87 -12.20 -42.14
CA GLN B 304 28.98 -13.16 -42.79
C GLN B 304 29.07 -13.05 -44.31
N MET C 1 33.41 14.99 16.62
CA MET C 1 32.78 15.60 15.45
C MET C 1 31.27 15.71 15.64
N LYS C 2 30.74 16.92 15.57
CA LYS C 2 29.31 17.15 15.59
C LYS C 2 28.76 17.10 14.17
N LEU C 3 27.67 16.36 13.97
CA LEU C 3 27.21 16.04 12.62
C LEU C 3 25.69 16.17 12.53
N TRP C 4 25.23 16.88 11.50
CA TRP C 4 23.83 16.89 11.10
C TRP C 4 23.67 16.00 9.88
N ILE C 5 22.58 15.23 9.84
CA ILE C 5 22.32 14.30 8.76
C ILE C 5 21.01 14.70 8.07
N ASP C 6 21.08 14.90 6.75
CA ASP C 6 19.91 15.12 5.92
C ASP C 6 19.68 13.86 5.10
N THR C 7 18.49 13.27 5.23
CA THR C 7 18.25 11.93 4.71
C THR C 7 16.83 11.82 4.16
N ASP C 8 16.67 10.96 3.15
CA ASP C 8 15.37 10.51 2.68
C ASP C 8 15.25 9.03 3.00
N CYS C 9 15.53 8.69 4.26
CA CYS C 9 15.94 7.36 4.70
C CYS C 9 15.27 6.20 3.99
N GLY C 10 15.86 5.80 2.88
CA GLY C 10 15.66 4.50 2.29
C GLY C 10 16.56 3.48 2.95
N ILE C 11 16.90 2.44 2.20
CA ILE C 11 17.62 1.31 2.78
C ILE C 11 19.09 1.66 3.04
N ASP C 12 19.76 2.27 2.05
CA ASP C 12 21.17 2.60 2.27
C ASP C 12 21.35 3.82 3.15
N ASP C 13 20.35 4.70 3.25
CA ASP C 13 20.38 5.74 4.27
C ASP C 13 20.49 5.13 5.66
N ALA C 14 19.62 4.16 5.96
CA ALA C 14 19.56 3.60 7.31
C ALA C 14 20.90 2.99 7.71
N THR C 15 21.59 2.35 6.77
CA THR C 15 22.89 1.78 7.07
C THR C 15 23.94 2.89 7.24
N ALA C 16 23.85 3.94 6.44
CA ALA C 16 24.74 5.09 6.63
C ALA C 16 24.57 5.71 8.00
N ILE C 17 23.32 5.86 8.44
CA ILE C 17 23.04 6.40 9.77
C ILE C 17 23.65 5.50 10.84
N LEU C 18 23.62 4.18 10.62
CA LEU C 18 24.19 3.26 11.59
C LEU C 18 25.71 3.35 11.66
N ILE C 19 26.36 3.67 10.54
CA ILE C 19 27.81 3.87 10.56
C ILE C 19 28.16 5.05 11.46
N CYS C 20 27.30 6.07 11.50
CA CYS C 20 27.55 7.22 12.37
C CYS C 20 27.23 6.91 13.82
N LEU C 21 26.18 6.11 14.07
CA LEU C 21 25.85 5.73 15.44
C LEU C 21 26.92 4.82 16.04
N ALA C 22 27.59 4.02 15.22
CA ALA C 22 28.52 3.01 15.69
C ALA C 22 29.88 3.57 16.07
N ASN C 23 30.20 4.79 15.67
CA ASN C 23 31.50 5.38 15.93
C ASN C 23 31.39 6.32 17.12
N PRO C 24 32.09 6.08 18.22
CA PRO C 24 31.93 6.94 19.40
C PRO C 24 32.47 8.35 19.21
N SER C 25 33.33 8.59 18.23
CA SER C 25 33.79 9.94 17.96
C SER C 25 32.74 10.84 17.35
N ILE C 26 31.55 10.34 17.04
CA ILE C 26 30.54 11.07 16.29
C ILE C 26 29.39 11.43 17.23
N GLU C 27 28.95 12.68 17.19
CA GLU C 27 27.75 13.12 17.89
C GLU C 27 26.74 13.61 16.87
N ILE C 28 25.70 12.82 16.63
CA ILE C 28 24.62 13.23 15.74
C ILE C 28 23.74 14.22 16.51
N VAL C 29 23.77 15.48 16.09
CA VAL C 29 23.04 16.53 16.80
C VAL C 29 21.63 16.74 16.25
N GLY C 30 21.31 16.14 15.12
CA GLY C 30 19.99 16.29 14.54
C GLY C 30 19.89 15.62 13.17
N ILE C 31 18.74 15.04 12.88
CA ILE C 31 18.49 14.38 11.61
C ILE C 31 17.28 15.03 10.96
N SER C 32 17.48 15.63 9.79
CA SER C 32 16.42 16.20 8.99
C SER C 32 15.98 15.21 7.93
N CYS C 33 14.69 15.26 7.57
CA CYS C 33 14.07 14.32 6.65
C CYS C 33 13.47 15.06 5.46
N ILE C 34 13.58 14.45 4.29
CA ILE C 34 13.05 14.99 3.05
C ILE C 34 12.54 13.81 2.22
N GLY C 35 11.53 14.08 1.39
CA GLY C 35 11.05 13.03 0.49
C GLY C 35 12.11 12.63 -0.53
N GLY C 36 11.91 11.45 -1.12
CA GLY C 36 12.83 10.95 -2.11
C GLY C 36 12.63 9.47 -2.39
N ASN C 37 13.48 8.63 -1.78
CA ASN C 37 13.24 7.18 -1.83
C ASN C 37 11.85 6.84 -1.35
N ALA C 38 11.33 7.59 -0.38
CA ALA C 38 9.99 7.39 0.15
C ALA C 38 9.36 8.75 0.40
N SER C 39 8.10 8.74 0.81
CA SER C 39 7.45 9.98 1.21
C SER C 39 8.06 10.50 2.51
N LEU C 40 7.90 11.80 2.74
CA LEU C 40 8.44 12.43 3.94
C LEU C 40 7.94 11.73 5.20
N GLN C 41 6.67 11.34 5.23
CA GLN C 41 6.14 10.62 6.38
C GLN C 41 6.82 9.26 6.55
N ASN C 42 7.07 8.57 5.44
CA ASN C 42 7.77 7.28 5.53
C ASN C 42 9.22 7.45 5.95
N VAL C 43 9.85 8.56 5.54
CA VAL C 43 11.23 8.79 5.93
C VAL C 43 11.34 9.02 7.43
N ILE C 44 10.37 9.75 8.01
CA ILE C 44 10.38 9.98 9.45
C ILE C 44 10.25 8.66 10.21
N ARG C 45 9.37 7.77 9.73
CA ARG C 45 9.22 6.48 10.38
C ARG C 45 10.50 5.64 10.26
N ASN C 46 11.14 5.69 9.10
CA ASN C 46 12.32 4.85 8.88
C ASN C 46 13.52 5.33 9.69
N VAL C 47 13.64 6.64 9.88
CA VAL C 47 14.67 7.15 10.79
C VAL C 47 14.36 6.73 12.22
N ASN C 48 13.08 6.81 12.61
CA ASN C 48 12.68 6.31 13.93
C ASN C 48 12.99 4.82 14.07
N ARG C 49 12.73 4.04 13.02
CA ARG C 49 13.06 2.61 13.06
C ARG C 49 14.55 2.39 13.24
N THR C 50 15.37 3.11 12.48
CA THR C 50 16.82 2.92 12.56
C THR C 50 17.36 3.28 13.92
N LEU C 51 16.92 4.41 14.48
CA LEU C 51 17.39 4.83 15.79
C LEU C 51 16.94 3.87 16.88
N LYS C 52 15.73 3.31 16.74
CA LYS C 52 15.21 2.43 17.79
C LYS C 52 15.92 1.06 17.78
N VAL C 53 16.23 0.54 16.59
CA VAL C 53 16.96 -0.72 16.51
C VAL C 53 18.34 -0.56 17.13
N TRP C 54 19.02 0.56 16.86
CA TRP C 54 20.30 0.82 17.50
C TRP C 54 20.13 1.01 19.00
N GLY C 55 19.18 1.84 19.40
CA GLY C 55 18.91 2.10 20.80
C GLY C 55 19.22 3.49 21.28
N LYS C 56 19.85 4.33 20.45
CA LYS C 56 20.18 5.69 20.85
C LYS C 56 19.16 6.65 20.25
N THR C 57 17.96 6.63 20.84
CA THR C 57 16.86 7.46 20.38
C THR C 57 16.99 8.93 20.80
N ASP C 58 18.00 9.28 21.58
CA ASP C 58 18.16 10.65 22.06
C ASP C 58 18.67 11.57 20.97
N ILE C 59 17.96 11.64 19.85
CA ILE C 59 18.36 12.46 18.71
C ILE C 59 17.13 13.14 18.13
N PRO C 60 17.14 14.46 17.94
CA PRO C 60 15.96 15.12 17.38
C PRO C 60 15.78 14.79 15.90
N ILE C 61 14.52 14.63 15.50
CA ILE C 61 14.15 14.25 14.13
C ILE C 61 13.19 15.31 13.60
N PHE C 62 13.60 16.01 12.55
CA PHE C 62 12.84 17.09 11.97
C PHE C 62 12.36 16.73 10.55
N GLY C 63 11.13 17.11 10.24
CA GLY C 63 10.58 16.91 8.91
C GLY C 63 10.72 18.16 8.06
N GLY C 64 11.16 17.98 6.83
CA GLY C 64 11.46 19.07 5.92
C GLY C 64 10.37 19.33 4.91
N CYS C 65 10.77 19.78 3.73
CA CYS C 65 9.83 20.06 2.64
C CYS C 65 9.27 18.74 2.09
N GLN C 66 8.19 18.86 1.32
CA GLN C 66 7.42 17.70 0.88
C GLN C 66 7.56 17.42 -0.61
N ALA C 67 8.52 18.05 -1.30
CA ALA C 67 8.69 17.90 -2.73
C ALA C 67 9.99 18.59 -3.13
N PRO C 68 10.54 18.24 -4.29
CA PRO C 68 11.66 19.03 -4.84
C PRO C 68 11.24 20.46 -5.12
N LEU C 69 12.24 21.32 -5.33
CA LEU C 69 11.99 22.74 -5.53
C LEU C 69 11.02 22.98 -6.67
N VAL C 70 11.40 22.56 -7.88
CA VAL C 70 10.65 22.87 -9.09
C VAL C 70 10.16 21.61 -9.81
N GLN C 71 10.96 20.57 -9.80
CA GLN C 71 10.56 19.37 -10.46
C GLN C 71 9.37 18.77 -9.74
N PRO C 72 8.40 18.28 -10.51
CA PRO C 72 7.10 17.69 -10.20
C PRO C 72 6.88 16.55 -9.18
N LYS C 73 7.65 15.46 -9.19
CA LYS C 73 7.36 14.34 -8.28
C LYS C 73 8.52 13.71 -7.55
N MET C 74 9.39 13.12 -8.37
CA MET C 74 10.63 12.35 -8.32
C MET C 74 10.78 11.49 -9.57
N GLU C 75 12.00 11.42 -10.08
CA GLU C 75 12.28 10.63 -11.27
C GLU C 75 12.14 9.14 -10.97
N ILE C 76 12.38 8.77 -9.72
CA ILE C 76 12.28 7.38 -9.29
C ILE C 76 11.50 7.24 -7.99
N PRO C 77 10.16 7.41 -8.07
CA PRO C 77 9.28 7.29 -6.91
C PRO C 77 9.13 5.82 -6.52
N HIS C 78 8.83 5.54 -5.25
CA HIS C 78 8.69 4.16 -4.78
C HIS C 78 9.83 3.25 -5.22
N ILE C 79 11.07 3.49 -4.75
CA ILE C 79 12.21 2.69 -5.17
C ILE C 79 12.59 1.62 -4.16
N HIS C 80 12.46 1.88 -2.86
CA HIS C 80 12.92 0.90 -1.87
C HIS C 80 11.74 0.23 -1.18
N GLY C 81 10.88 -0.44 -1.95
CA GLY C 81 9.66 -0.99 -1.41
C GLY C 81 8.61 0.08 -1.20
N GLY C 82 7.42 -0.37 -0.79
CA GLY C 82 6.32 0.55 -0.60
C GLY C 82 6.54 1.50 0.58
N ASP C 83 7.29 1.07 1.59
CA ASP C 83 7.50 1.85 2.79
C ASP C 83 8.83 2.60 2.78
N GLY C 84 9.64 2.42 1.75
CA GLY C 84 10.94 3.05 1.68
C GLY C 84 12.06 2.33 2.39
N LEU C 85 11.75 1.32 3.21
CA LEU C 85 12.75 0.59 3.96
C LEU C 85 12.62 -0.91 3.72
N GLY C 86 12.35 -1.31 2.49
CA GLY C 86 12.27 -2.72 2.17
C GLY C 86 11.07 -3.45 2.74
N ASP C 87 10.05 -2.72 3.20
CA ASP C 87 8.79 -3.30 3.69
C ASP C 87 9.02 -4.27 4.84
N ILE C 88 9.82 -3.85 5.83
CA ILE C 88 10.11 -4.71 6.96
C ILE C 88 8.92 -4.73 7.91
N ASN C 89 8.92 -5.73 8.80
CA ASN C 89 7.85 -5.93 9.78
C ASN C 89 8.27 -5.32 11.10
N ASP C 90 7.50 -4.34 11.59
CA ASP C 90 7.82 -3.70 12.85
C ASP C 90 7.76 -4.68 14.02
N ASN C 91 6.85 -5.65 13.96
CA ASN C 91 6.71 -6.61 15.04
C ASN C 91 7.93 -7.52 15.17
N ASP C 92 8.72 -7.68 14.10
CA ASP C 92 9.96 -8.43 14.19
C ASP C 92 11.06 -7.63 14.87
N PHE C 93 10.94 -6.29 14.89
CA PHE C 93 11.99 -5.43 15.42
C PHE C 93 11.57 -4.66 16.66
N GLY C 94 10.33 -4.80 17.11
CA GLY C 94 9.88 -4.08 18.30
C GLY C 94 9.83 -2.58 18.11
N THR C 95 9.59 -2.10 16.89
CA THR C 95 9.56 -0.68 16.60
C THR C 95 8.15 -0.14 16.41
N ASN C 96 7.13 -0.96 16.66
CA ASN C 96 5.74 -0.50 16.55
C ASN C 96 5.41 0.28 17.82
N THR C 97 5.89 1.53 17.85
CA THR C 97 5.79 2.39 19.01
C THR C 97 5.65 3.83 18.51
N PRO C 98 5.21 4.76 19.36
CA PRO C 98 5.07 6.15 18.92
C PRO C 98 6.39 6.72 18.43
N ASN C 99 6.34 7.33 17.25
CA ASN C 99 7.50 7.94 16.64
C ASN C 99 7.68 9.36 17.14
N LYS C 100 8.94 9.76 17.27
CA LYS C 100 9.28 11.12 17.64
C LYS C 100 9.49 11.97 16.40
N LEU C 101 8.88 13.15 16.41
CA LEU C 101 9.09 14.21 15.44
C LEU C 101 9.24 15.47 16.26
N GLU C 102 10.17 16.32 15.87
CA GLU C 102 10.14 17.64 16.46
C GLU C 102 9.10 18.47 15.71
N LYS C 103 8.80 19.65 16.22
CA LYS C 103 7.72 20.43 15.64
C LYS C 103 8.21 21.65 14.88
N GLU C 104 9.46 22.09 15.05
CA GLU C 104 9.98 23.07 14.12
C GLU C 104 10.28 22.42 12.78
N HIS C 105 10.14 23.21 11.72
CA HIS C 105 10.44 22.73 10.38
C HIS C 105 11.95 22.46 10.24
N ALA C 106 12.29 21.41 9.49
CA ALA C 106 13.67 20.98 9.41
C ALA C 106 14.59 22.08 8.91
N VAL C 107 14.07 23.01 8.10
CA VAL C 107 14.87 24.14 7.64
C VAL C 107 15.25 25.02 8.83
N ASN C 108 14.24 25.49 9.57
CA ASN C 108 14.51 26.39 10.70
C ASN C 108 15.40 25.73 11.75
N ALA C 109 15.30 24.41 11.91
CA ALA C 109 16.13 23.73 12.90
C ALA C 109 17.58 23.66 12.44
N LEU C 110 17.82 23.37 11.15
CA LEU C 110 19.18 23.36 10.64
C LEU C 110 19.80 24.75 10.74
N ILE C 111 19.01 25.80 10.51
CA ILE C 111 19.50 27.16 10.65
C ILE C 111 19.89 27.44 12.10
N HIS C 112 19.06 27.00 13.05
CA HIS C 112 19.35 27.21 14.46
C HIS C 112 20.61 26.46 14.86
N ALA C 113 20.72 25.20 14.47
CA ALA C 113 21.89 24.40 14.85
C ALA C 113 23.17 24.99 14.27
N ALA C 114 23.14 25.44 13.02
CA ALA C 114 24.33 26.04 12.41
C ALA C 114 24.71 27.36 13.08
N ASN C 115 23.78 28.01 13.76
CA ASN C 115 24.02 29.26 14.45
C ASN C 115 24.48 29.07 15.89
N THR C 116 24.35 27.86 16.43
CA THR C 116 24.62 27.62 17.84
C THR C 116 25.64 26.52 18.12
N ILE C 117 26.03 25.74 17.13
CA ILE C 117 26.93 24.60 17.32
C ILE C 117 28.26 24.93 16.67
N GLU C 118 29.32 24.96 17.48
CA GLU C 118 30.65 25.20 16.95
C GLU C 118 31.15 23.99 16.18
N ASP C 119 31.74 24.24 15.02
CA ASP C 119 32.36 23.20 14.18
C ASP C 119 31.35 22.11 13.82
N LEU C 120 30.18 22.53 13.33
CA LEU C 120 29.16 21.60 12.89
C LEU C 120 29.43 21.16 11.46
N ASN C 121 29.51 19.84 11.25
CA ASN C 121 29.56 19.27 9.92
C ASN C 121 28.19 18.73 9.55
N ILE C 122 27.97 18.53 8.25
CA ILE C 122 26.68 18.07 7.76
C ILE C 122 26.90 16.97 6.73
N LEU C 123 26.07 15.93 6.83
CA LEU C 123 26.07 14.80 5.91
C LEU C 123 24.73 14.76 5.19
N CYS C 124 24.75 14.92 3.88
CA CYS C 124 23.56 14.99 3.05
C CYS C 124 23.44 13.71 2.22
N LEU C 125 22.42 12.91 2.51
CA LEU C 125 22.21 11.63 1.85
C LEU C 125 21.01 11.65 0.89
N ALA C 126 20.49 12.82 0.57
CA ALA C 126 19.21 12.92 -0.09
C ALA C 126 19.26 14.10 -1.05
N PRO C 127 18.17 14.32 -1.80
CA PRO C 127 18.02 15.44 -2.74
C PRO C 127 18.23 16.76 -2.02
N LEU C 128 18.93 17.69 -2.67
CA LEU C 128 19.23 18.98 -2.06
C LEU C 128 18.08 19.98 -1.96
N THR C 129 17.03 19.65 -1.19
CA THR C 129 15.96 20.58 -1.01
C THR C 129 16.00 21.28 0.34
N ASN C 130 16.07 20.52 1.41
CA ASN C 130 16.13 21.14 2.74
C ASN C 130 17.31 22.10 2.83
N ILE C 131 18.45 21.72 2.26
CA ILE C 131 19.66 22.54 2.37
C ILE C 131 19.52 23.80 1.53
N ALA C 132 19.02 23.67 0.29
CA ALA C 132 18.91 24.81 -0.59
C ALA C 132 17.99 25.88 -0.01
N ILE C 133 16.90 25.46 0.63
CA ILE C 133 15.97 26.40 1.23
C ILE C 133 16.64 27.15 2.39
N ALA C 134 17.32 26.41 3.27
CA ALA C 134 17.99 27.05 4.39
C ALA C 134 19.10 27.98 3.92
N LEU C 135 19.81 27.58 2.85
CA LEU C 135 20.78 28.48 2.23
C LEU C 135 20.11 29.71 1.61
N SER C 136 18.83 29.58 1.22
CA SER C 136 18.10 30.69 0.61
C SER C 136 17.47 31.62 1.64
N MET C 137 17.29 31.15 2.88
CA MET C 137 16.71 31.96 3.93
C MET C 137 17.74 32.54 4.89
N ALA C 138 18.81 31.80 5.17
CA ALA C 138 19.86 32.27 6.07
C ALA C 138 21.20 31.70 5.61
N PRO C 139 21.74 32.19 4.50
CA PRO C 139 23.09 31.76 4.09
C PRO C 139 24.14 32.13 5.12
N GLU C 140 23.93 33.23 5.85
CA GLU C 140 24.86 33.59 6.93
C GLU C 140 24.95 32.48 7.97
N ALA C 141 23.85 31.78 8.23
CA ALA C 141 23.86 30.70 9.21
C ALA C 141 24.49 29.43 8.64
N ILE C 142 24.17 29.09 7.39
CA ILE C 142 24.60 27.82 6.83
C ILE C 142 26.10 27.84 6.54
N LEU C 143 26.63 28.99 6.10
CA LEU C 143 28.05 29.09 5.79
C LEU C 143 28.94 28.90 7.02
N LYS C 144 28.38 29.05 8.23
CA LYS C 144 29.13 28.76 9.44
C LYS C 144 29.44 27.27 9.59
N ILE C 145 28.71 26.41 8.87
CA ILE C 145 28.92 24.97 8.98
C ILE C 145 30.30 24.62 8.47
N LYS C 146 31.02 23.78 9.22
CA LYS C 146 32.43 23.55 8.97
C LYS C 146 32.69 22.84 7.65
N HIS C 147 31.91 21.80 7.33
CA HIS C 147 32.19 21.01 6.14
C HIS C 147 30.93 20.29 5.68
N PHE C 148 30.80 20.15 4.35
CA PHE C 148 29.68 19.47 3.72
C PHE C 148 30.13 18.13 3.16
N TYR C 149 29.43 17.06 3.53
CA TYR C 149 29.62 15.73 2.94
C TYR C 149 28.33 15.36 2.23
N ILE C 150 28.39 15.21 0.90
CA ILE C 150 27.22 15.05 0.07
C ILE C 150 27.35 13.77 -0.75
N MET C 151 26.32 12.93 -0.69
CA MET C 151 26.15 11.83 -1.63
C MET C 151 25.35 12.36 -2.83
N GLY C 152 25.95 12.35 -4.00
CA GLY C 152 25.25 12.81 -5.19
C GLY C 152 26.20 13.01 -6.35
N GLY C 153 25.59 13.28 -7.50
CA GLY C 153 26.34 13.54 -8.72
C GLY C 153 27.00 12.31 -9.30
N ALA C 154 27.30 12.37 -10.60
CA ALA C 154 28.02 11.30 -11.30
C ALA C 154 28.99 11.95 -12.28
N GLU C 155 30.26 11.95 -11.93
CA GLU C 155 31.30 12.57 -12.74
C GLU C 155 32.07 11.50 -13.52
N ASN C 156 32.62 11.92 -14.67
CA ASN C 156 33.64 11.22 -15.46
C ASN C 156 33.71 11.80 -16.87
N ASN C 160 35.49 8.70 -20.30
CA ASN C 160 35.35 7.26 -20.12
C ASN C 160 33.88 6.87 -19.97
N ILE C 161 33.49 6.43 -18.77
CA ILE C 161 32.18 5.87 -18.52
C ILE C 161 31.55 6.58 -17.34
N THR C 162 30.24 6.83 -17.43
CA THR C 162 29.48 7.45 -16.35
C THR C 162 28.24 6.60 -16.06
N PRO C 163 28.15 5.99 -14.89
CA PRO C 163 26.98 5.15 -14.60
C PRO C 163 25.71 5.97 -14.57
N TYR C 164 24.66 5.40 -15.17
CA TYR C 164 23.34 6.00 -15.13
C TYR C 164 22.71 5.77 -13.77
N GLY C 165 21.64 6.54 -13.49
CA GLY C 165 20.78 6.26 -12.36
C GLY C 165 20.98 7.14 -11.14
N GLU C 166 21.85 8.15 -11.21
CA GLU C 166 22.02 9.06 -10.08
C GLU C 166 20.68 9.69 -9.70
N PHE C 167 20.38 9.69 -8.41
CA PHE C 167 19.07 10.11 -7.93
C PHE C 167 19.06 11.48 -7.27
N ASN C 168 19.98 11.73 -6.33
CA ASN C 168 19.83 12.86 -5.41
C ASN C 168 19.82 14.19 -6.16
N TRP C 169 20.79 14.42 -7.04
CA TRP C 169 20.84 15.69 -7.73
C TRP C 169 19.89 15.72 -8.92
N ARG C 170 19.64 14.57 -9.54
CA ARG C 170 18.64 14.52 -10.60
C ARG C 170 17.24 14.80 -10.05
N ALA C 171 16.98 14.41 -8.81
CA ALA C 171 15.65 14.61 -8.21
C ALA C 171 15.37 16.09 -7.95
N ASP C 172 16.41 16.89 -7.73
CA ASP C 172 16.24 18.32 -7.50
C ASP C 172 17.51 19.03 -7.97
N PRO C 173 17.62 19.25 -9.29
CA PRO C 173 18.84 19.88 -9.81
C PRO C 173 19.00 21.34 -9.39
N GLU C 174 17.89 22.04 -9.15
CA GLU C 174 17.99 23.43 -8.69
C GLU C 174 18.56 23.49 -7.28
N ALA C 175 18.07 22.62 -6.39
CA ALA C 175 18.62 22.58 -5.04
C ALA C 175 20.11 22.24 -5.05
N ALA C 176 20.51 21.32 -5.91
CA ALA C 176 21.93 20.98 -6.01
C ALA C 176 22.76 22.17 -6.49
N GLN C 177 22.24 22.92 -7.47
CA GLN C 177 22.97 24.09 -7.95
C GLN C 177 22.99 25.19 -6.91
N ILE C 178 21.92 25.32 -6.11
CA ILE C 178 21.91 26.30 -5.03
C ILE C 178 23.03 26.03 -4.05
N VAL C 179 23.18 24.76 -3.64
CA VAL C 179 24.22 24.39 -2.69
C VAL C 179 25.60 24.62 -3.29
N LEU C 180 25.80 24.19 -4.54
CA LEU C 180 27.13 24.18 -5.12
C LEU C 180 27.64 25.59 -5.39
N GLN C 181 26.75 26.56 -5.59
CA GLN C 181 27.16 27.94 -5.86
C GLN C 181 27.04 28.85 -4.65
N THR C 182 26.58 28.34 -3.51
CA THR C 182 26.46 29.13 -2.29
C THR C 182 27.35 28.62 -1.17
N TYR C 183 27.37 27.31 -0.91
CA TYR C 183 28.33 26.88 0.08
C TYR C 183 29.69 26.64 -0.58
N PRO C 184 30.80 27.01 0.07
CA PRO C 184 32.11 26.88 -0.57
C PRO C 184 32.44 25.44 -0.92
N GLN C 185 32.72 25.22 -2.21
CA GLN C 185 33.00 23.87 -2.69
C GLN C 185 34.30 23.32 -2.11
N TYR C 186 35.26 24.19 -1.78
CA TYR C 186 36.49 23.71 -1.15
C TYR C 186 36.22 23.08 0.21
N GLN C 187 35.12 23.44 0.86
CA GLN C 187 34.71 22.80 2.10
C GLN C 187 33.71 21.67 1.88
N THR C 188 33.68 21.12 0.67
CA THR C 188 32.71 20.09 0.29
C THR C 188 33.44 18.83 -0.17
N THR C 189 32.96 17.68 0.28
CA THR C 189 33.49 16.39 -0.13
C THR C 189 32.35 15.54 -0.67
N ILE C 190 32.57 14.94 -1.85
CA ILE C 190 31.51 14.28 -2.60
C ILE C 190 31.76 12.78 -2.61
N ALA C 191 30.75 12.01 -2.23
CA ALA C 191 30.66 10.58 -2.52
C ALA C 191 29.67 10.45 -3.67
N SER C 192 30.19 10.26 -4.88
CA SER C 192 29.37 10.32 -6.08
C SER C 192 28.70 8.97 -6.34
N TRP C 193 27.68 9.01 -7.20
CA TRP C 193 27.08 7.78 -7.70
C TRP C 193 28.09 7.00 -8.52
N THR C 194 29.07 7.69 -9.11
CA THR C 194 30.15 7.00 -9.81
C THR C 194 31.00 6.21 -8.83
N LEU C 195 31.35 6.81 -7.69
CA LEU C 195 32.13 6.11 -6.67
C LEU C 195 31.40 4.88 -6.15
N ALA C 196 30.09 5.02 -5.89
CA ALA C 196 29.32 3.90 -5.36
C ALA C 196 29.28 2.74 -6.35
N VAL C 197 28.95 3.04 -7.61
CA VAL C 197 28.84 2.00 -8.63
C VAL C 197 30.16 1.26 -8.78
N PHE C 198 31.27 1.98 -8.78
CA PHE C 198 32.58 1.36 -8.93
C PHE C 198 33.11 0.75 -7.63
N ASN C 199 32.38 0.89 -6.53
CA ASN C 199 32.75 0.33 -5.23
C ASN C 199 31.59 -0.45 -4.65
N SER C 200 31.07 -1.37 -5.45
CA SER C 200 29.91 -2.18 -5.10
C SER C 200 30.33 -3.62 -4.86
N PHE C 201 29.45 -4.37 -4.22
CA PHE C 201 29.70 -5.76 -3.86
C PHE C 201 28.49 -6.60 -4.27
N ASN C 202 28.72 -7.89 -4.43
CA ASN C 202 27.64 -8.84 -4.73
C ASN C 202 27.45 -9.77 -3.54
N ALA C 203 26.19 -9.94 -3.13
CA ALA C 203 25.89 -10.81 -2.00
C ALA C 203 26.37 -12.24 -2.21
N ASN C 204 26.54 -12.66 -3.46
CA ASN C 204 27.06 -14.00 -3.74
C ASN C 204 28.57 -14.08 -3.57
N ASP C 205 29.25 -12.95 -3.30
CA ASP C 205 30.66 -12.93 -2.97
C ASP C 205 30.95 -12.40 -1.58
N TYR C 206 30.06 -11.62 -0.98
CA TYR C 206 30.25 -11.04 0.33
C TYR C 206 28.97 -11.21 1.14
N ASP C 207 29.12 -11.51 2.43
CA ASP C 207 27.99 -11.88 3.27
C ASP C 207 27.63 -10.83 4.31
N PHE C 208 28.30 -9.67 4.33
CA PHE C 208 28.14 -8.76 5.45
C PHE C 208 26.75 -8.15 5.55
N PHE C 209 25.90 -8.32 4.54
CA PHE C 209 24.51 -7.92 4.62
C PHE C 209 23.56 -9.12 4.72
N ASN C 210 24.09 -10.27 5.12
CA ASN C 210 23.30 -11.50 5.24
C ASN C 210 23.64 -12.21 6.56
N LEU C 211 23.70 -11.43 7.63
CA LEU C 211 24.04 -11.97 8.95
C LEU C 211 22.82 -11.99 9.85
N ASP C 212 22.90 -12.82 10.90
CA ASP C 212 21.92 -12.85 11.98
C ASP C 212 22.67 -13.11 13.28
N GLY C 213 21.98 -12.87 14.39
CA GLY C 213 22.57 -13.10 15.70
C GLY C 213 22.28 -11.98 16.67
N ASN C 214 21.65 -10.92 16.20
CA ASN C 214 21.21 -9.82 17.05
C ASN C 214 20.24 -8.96 16.24
N LEU C 215 19.79 -7.86 16.86
CA LEU C 215 18.78 -7.01 16.23
C LEU C 215 19.34 -6.26 15.03
N VAL C 216 20.55 -5.72 15.15
CA VAL C 216 21.09 -4.88 14.08
C VAL C 216 21.38 -5.70 12.84
N ARG C 217 21.92 -6.91 13.02
CA ARG C 217 22.17 -7.79 11.87
C ARG C 217 20.88 -8.15 11.16
N ARG C 218 19.80 -8.34 11.92
CA ARG C 218 18.50 -8.61 11.29
C ARG C 218 17.99 -7.39 10.55
N PHE C 219 18.20 -6.20 11.12
CA PHE C 219 17.72 -4.98 10.48
C PHE C 219 18.44 -4.74 9.15
N ILE C 220 19.75 -4.98 9.12
CA ILE C 220 20.50 -4.75 7.89
C ILE C 220 20.11 -5.77 6.83
N ARG C 221 20.00 -7.05 7.21
CA ARG C 221 19.68 -8.09 6.25
C ARG C 221 18.30 -7.88 5.65
N GLU C 222 17.29 -7.64 6.49
CA GLU C 222 15.93 -7.52 6.00
C GLU C 222 15.76 -6.27 5.13
N THR C 223 16.41 -5.16 5.52
CA THR C 223 16.27 -3.92 4.74
C THR C 223 16.91 -4.07 3.35
N TRP C 224 18.12 -4.60 3.30
CA TRP C 224 18.81 -4.76 2.02
C TRP C 224 18.30 -5.94 1.21
N LYS C 225 17.51 -6.83 1.82
CA LYS C 225 17.06 -8.07 1.20
C LYS C 225 16.40 -7.85 -0.16
N PRO C 226 15.38 -7.00 -0.28
CA PRO C 226 14.75 -6.82 -1.61
C PRO C 226 15.66 -6.14 -2.61
N ILE C 227 16.64 -5.34 -2.16
CA ILE C 227 17.62 -4.78 -3.08
C ILE C 227 18.48 -5.89 -3.68
N ILE C 228 19.04 -6.73 -2.81
CA ILE C 228 19.88 -7.84 -3.26
C ILE C 228 19.08 -8.78 -4.16
N ALA C 229 17.81 -8.99 -3.83
CA ALA C 229 17.00 -9.98 -4.53
C ALA C 229 16.63 -9.51 -5.93
N PHE C 230 16.32 -8.22 -6.09
CA PHE C 230 15.82 -7.69 -7.35
C PHE C 230 16.89 -7.03 -8.19
N ASP C 231 18.14 -6.99 -7.73
CA ASP C 231 19.24 -6.39 -8.48
C ASP C 231 20.35 -7.39 -8.75
N GLY C 232 20.00 -8.66 -8.92
CA GLY C 232 21.00 -9.66 -9.25
C GLY C 232 22.03 -9.91 -8.17
N GLY C 233 21.73 -9.51 -6.94
CA GLY C 233 22.68 -9.64 -5.85
C GLY C 233 23.56 -8.42 -5.63
N ARG C 234 23.37 -7.37 -6.42
CA ARG C 234 24.26 -6.21 -6.39
C ARG C 234 23.98 -5.32 -5.19
N ILE C 235 25.02 -5.02 -4.42
CA ILE C 235 24.99 -4.10 -3.31
C ILE C 235 25.75 -2.85 -3.74
N CYS C 236 25.02 -1.75 -3.99
CA CYS C 236 25.65 -0.47 -4.36
C CYS C 236 25.49 0.48 -3.18
N PRO C 237 26.47 0.56 -2.28
CA PRO C 237 26.29 1.24 -0.99
C PRO C 237 26.65 2.73 -1.02
N ALA C 238 25.78 3.52 -1.65
CA ALA C 238 26.08 4.93 -1.90
C ALA C 238 26.12 5.74 -0.63
N ASP C 239 24.97 5.87 0.05
CA ASP C 239 24.95 6.59 1.32
C ASP C 239 25.91 6.02 2.35
N PRO C 240 26.05 4.70 2.53
CA PRO C 240 27.07 4.20 3.47
C PRO C 240 28.48 4.63 3.11
N LEU C 241 28.81 4.76 1.82
CA LEU C 241 30.12 5.26 1.45
C LEU C 241 30.28 6.72 1.83
N ALA C 242 29.21 7.51 1.68
CA ALA C 242 29.25 8.90 2.11
C ALA C 242 29.51 9.01 3.61
N ALA C 243 28.75 8.26 4.41
CA ALA C 243 28.97 8.26 5.86
C ALA C 243 30.37 7.75 6.21
N PHE C 244 30.83 6.72 5.50
CA PHE C 244 32.18 6.20 5.72
C PHE C 244 33.22 7.29 5.51
N ILE C 245 33.04 8.13 4.50
CA ILE C 245 34.01 9.18 4.23
C ILE C 245 33.89 10.29 5.28
N ALA C 246 32.66 10.61 5.69
CA ALA C 246 32.47 11.69 6.64
C ALA C 246 33.03 11.34 8.02
N VAL C 247 32.86 10.09 8.44
CA VAL C 247 33.22 9.70 9.81
C VAL C 247 34.71 9.34 9.92
N TYR C 248 35.28 8.70 8.90
CA TYR C 248 36.65 8.23 8.97
C TYR C 248 37.64 9.07 8.19
N GLY C 249 37.17 10.00 7.36
CA GLY C 249 38.05 11.02 6.81
C GLY C 249 39.15 10.46 5.92
N ASP C 250 40.39 10.86 6.21
CA ASP C 250 41.52 10.52 5.36
C ASP C 250 41.76 9.02 5.30
N ARG C 251 41.45 8.31 6.39
CA ARG C 251 41.58 6.85 6.38
C ARG C 251 40.69 6.22 5.32
N ALA C 252 39.57 6.86 5.00
CA ALA C 252 38.62 6.31 4.04
C ALA C 252 39.01 6.56 2.59
N ILE C 253 39.78 7.61 2.31
CA ILE C 253 40.03 8.07 0.96
C ILE C 253 41.38 7.56 0.49
N LYS C 254 41.40 6.89 -0.66
CA LYS C 254 42.63 6.48 -1.33
C LYS C 254 43.05 7.41 -2.44
N ARG C 255 42.08 8.00 -3.14
CA ARG C 255 42.35 8.98 -4.19
C ARG C 255 41.13 9.88 -4.34
N ALA C 256 41.37 11.15 -4.62
CA ALA C 256 40.29 12.09 -4.91
C ALA C 256 40.82 13.11 -5.90
N GLU C 257 39.90 13.92 -6.43
CA GLU C 257 40.24 14.98 -7.35
C GLU C 257 39.50 16.24 -6.97
N ARG C 258 40.19 17.37 -7.05
CA ARG C 258 39.57 18.68 -6.87
C ARG C 258 38.86 19.06 -8.16
N LEU C 259 37.54 19.08 -8.14
CA LEU C 259 36.73 19.37 -9.32
C LEU C 259 35.70 20.43 -8.97
N HIS C 260 35.50 21.37 -9.88
CA HIS C 260 34.42 22.35 -9.75
C HIS C 260 33.16 21.76 -10.36
N LEU C 261 32.09 21.72 -9.57
CA LEU C 261 30.85 21.08 -9.97
C LEU C 261 29.75 22.11 -10.17
N SER C 262 28.98 21.93 -11.24
CA SER C 262 27.78 22.70 -11.50
C SER C 262 26.72 21.78 -12.10
N MET C 263 25.49 22.27 -12.17
CA MET C 263 24.37 21.48 -12.67
C MET C 263 23.94 21.99 -14.04
N VAL C 264 23.54 21.07 -14.91
CA VAL C 264 22.89 21.40 -16.17
C VAL C 264 21.39 21.52 -15.88
N LEU C 265 20.87 22.73 -15.97
CA LEU C 265 19.49 23.01 -15.61
C LEU C 265 18.57 23.13 -16.81
N GLU C 266 19.06 22.85 -18.01
CA GLU C 266 18.24 22.95 -19.21
C GLU C 266 18.78 22.00 -20.27
N GLY C 267 17.92 21.68 -21.23
CA GLY C 267 18.30 20.84 -22.35
C GLY C 267 18.14 19.37 -22.06
N GLU C 268 18.58 18.56 -23.03
CA GLU C 268 18.48 17.11 -22.92
C GLU C 268 19.25 16.57 -21.72
N LYS C 269 20.31 17.26 -21.29
CA LYS C 269 21.13 16.79 -20.18
C LYS C 269 20.69 17.38 -18.84
N LEU C 270 19.40 17.65 -18.68
CA LEU C 270 18.89 18.17 -17.41
C LEU C 270 19.19 17.18 -16.28
N GLY C 271 19.73 17.70 -15.18
CA GLY C 271 20.00 16.89 -14.01
C GLY C 271 21.41 16.32 -13.93
N MET C 272 22.26 16.60 -14.91
CA MET C 272 23.61 16.06 -14.92
C MET C 272 24.57 17.03 -14.25
N SER C 273 25.83 16.62 -14.15
CA SER C 273 26.83 17.36 -13.38
C SER C 273 28.02 17.65 -14.28
N LEU C 274 28.38 18.92 -14.38
CA LEU C 274 29.59 19.31 -15.11
C LEU C 274 30.74 19.44 -14.13
N ALA C 275 31.81 18.70 -14.40
CA ALA C 275 32.99 18.66 -13.54
C ALA C 275 34.17 19.28 -14.29
N GLU C 276 34.95 20.08 -13.57
CA GLU C 276 36.08 20.76 -14.17
C GLU C 276 37.21 20.85 -13.14
N PRO C 277 38.42 20.42 -13.49
CA PRO C 277 39.53 20.46 -12.52
C PRO C 277 39.75 21.88 -12.00
N ASP C 278 39.89 21.98 -10.68
CA ASP C 278 39.85 23.25 -9.97
C ASP C 278 40.21 23.04 -8.51
N GLU C 279 41.31 23.63 -8.05
CA GLU C 279 41.75 23.40 -6.68
C GLU C 279 40.86 24.09 -5.64
N LYS C 280 39.92 24.93 -6.07
CA LYS C 280 38.93 25.50 -5.18
C LYS C 280 37.56 24.85 -5.36
N GLY C 281 37.53 23.63 -5.92
CA GLY C 281 36.30 22.88 -6.07
C GLY C 281 36.18 21.77 -5.05
N CYS C 282 35.11 20.98 -5.19
CA CYS C 282 34.82 19.92 -4.23
C CYS C 282 35.89 18.84 -4.29
N LEU C 283 36.10 18.19 -3.15
CA LEU C 283 36.95 17.00 -3.08
C LEU C 283 36.11 15.80 -3.51
N VAL C 284 36.25 15.39 -4.77
CA VAL C 284 35.46 14.31 -5.34
C VAL C 284 36.23 13.01 -5.14
N VAL C 285 35.77 12.19 -4.20
CA VAL C 285 36.48 10.95 -3.88
C VAL C 285 36.42 10.02 -5.08
N LYS C 286 37.58 9.48 -5.46
CA LYS C 286 37.69 8.56 -6.58
C LYS C 286 37.91 7.12 -6.16
N GLU C 287 38.64 6.88 -5.09
CA GLU C 287 38.85 5.55 -4.55
C GLU C 287 38.71 5.60 -3.03
N CYS C 288 38.28 4.48 -2.46
CA CYS C 288 38.14 4.35 -1.03
C CYS C 288 38.91 3.13 -0.54
N ASP C 289 39.18 3.11 0.76
CA ASP C 289 39.76 1.92 1.40
C ASP C 289 38.63 0.92 1.57
N ALA C 290 38.41 0.11 0.52
CA ALA C 290 37.32 -0.85 0.54
C ALA C 290 37.45 -1.86 1.69
N GLU C 291 38.68 -2.20 2.05
CA GLU C 291 38.88 -3.19 3.11
C GLU C 291 38.49 -2.64 4.47
N LEU C 292 38.83 -1.39 4.75
CA LEU C 292 38.37 -0.78 5.99
C LEU C 292 36.86 -0.60 5.99
N PHE C 293 36.28 -0.33 4.81
CA PHE C 293 34.85 -0.11 4.70
C PHE C 293 34.08 -1.38 5.05
N VAL C 294 34.46 -2.52 4.46
CA VAL C 294 33.75 -3.76 4.75
C VAL C 294 33.90 -4.13 6.21
N LYS C 295 35.04 -3.83 6.82
CA LYS C 295 35.23 -4.13 8.24
C LYS C 295 34.37 -3.21 9.12
N ILE C 296 34.17 -1.97 8.68
CA ILE C 296 33.31 -1.05 9.42
C ILE C 296 31.86 -1.51 9.35
N LEU C 297 31.43 -1.98 8.18
CA LEU C 297 30.08 -2.53 8.05
C LEU C 297 29.89 -3.72 8.99
N ARG C 298 30.87 -4.60 9.08
CA ARG C 298 30.77 -5.75 9.98
C ARG C 298 30.88 -5.32 11.44
N GLU C 299 31.73 -4.33 11.71
CA GLU C 299 31.98 -3.92 13.10
C GLU C 299 30.70 -3.46 13.78
N LEU C 300 29.89 -2.66 13.09
CA LEU C 300 28.64 -2.17 13.68
C LEU C 300 27.61 -3.28 13.88
N GLN C 301 27.85 -4.48 13.36
CA GLN C 301 26.94 -5.60 13.52
C GLN C 301 27.41 -6.60 14.57
N ASP C 302 28.48 -6.27 15.31
CA ASP C 302 28.99 -7.17 16.33
C ASP C 302 27.97 -7.35 17.45
N HIS C 303 28.14 -8.43 18.20
CA HIS C 303 27.25 -8.75 19.31
C HIS C 303 27.38 -7.74 20.44
N MET D 1 -30.29 12.74 40.81
CA MET D 1 -29.26 11.95 40.14
C MET D 1 -27.92 12.02 40.86
N LYS D 2 -27.43 10.85 41.29
CA LYS D 2 -26.11 10.75 41.90
C LYS D 2 -25.09 10.51 40.79
N LEU D 3 -24.03 11.34 40.77
CA LEU D 3 -23.11 11.35 39.64
C LEU D 3 -21.67 11.39 40.09
N TRP D 4 -20.85 10.53 39.49
CA TRP D 4 -19.41 10.53 39.65
C TRP D 4 -18.77 10.97 38.33
N ILE D 5 -17.76 11.82 38.42
CA ILE D 5 -17.11 12.38 37.23
C ILE D 5 -15.65 11.94 37.22
N ASP D 6 -15.19 11.49 36.05
CA ASP D 6 -13.79 11.16 35.80
C ASP D 6 -13.29 12.11 34.72
N THR D 7 -12.23 12.87 35.04
CA THR D 7 -11.86 14.00 34.20
C THR D 7 -10.34 14.05 34.02
N ASP D 8 -9.93 14.60 32.88
CA ASP D 8 -8.56 15.03 32.65
C ASP D 8 -8.58 16.55 32.54
N CYS D 9 -9.27 17.19 33.49
CA CYS D 9 -9.81 18.54 33.35
C CYS D 9 -8.92 19.49 32.56
N GLY D 10 -9.15 19.51 31.26
CA GLY D 10 -8.80 20.63 30.43
C GLY D 10 -9.94 21.63 30.42
N ILE D 11 -9.99 22.43 29.36
CA ILE D 11 -10.92 23.55 29.31
C ILE D 11 -12.35 23.04 29.18
N ASP D 12 -12.61 22.16 28.21
CA ASP D 12 -13.99 21.74 28.00
C ASP D 12 -14.50 20.83 29.13
N ASP D 13 -13.60 20.16 29.86
CA ASP D 13 -14.01 19.48 31.08
C ASP D 13 -14.61 20.45 32.08
N ALA D 14 -13.89 21.55 32.34
CA ALA D 14 -14.31 22.50 33.37
C ALA D 14 -15.72 23.02 33.10
N THR D 15 -15.99 23.40 31.84
CA THR D 15 -17.34 23.82 31.47
C THR D 15 -18.33 22.68 31.68
N ALA D 16 -17.94 21.45 31.36
CA ALA D 16 -18.82 20.30 31.59
C ALA D 16 -19.08 20.09 33.08
N ILE D 17 -18.03 20.19 33.90
CA ILE D 17 -18.21 20.10 35.34
C ILE D 17 -19.13 21.21 35.84
N LEU D 18 -18.97 22.42 35.28
CA LEU D 18 -19.84 23.53 35.65
C LEU D 18 -21.28 23.26 35.23
N ILE D 19 -21.46 22.57 34.10
CA ILE D 19 -22.81 22.18 33.67
C ILE D 19 -23.47 21.32 34.74
N CYS D 20 -22.73 20.35 35.29
CA CYS D 20 -23.28 19.51 36.35
C CYS D 20 -23.50 20.31 37.63
N LEU D 21 -22.55 21.16 37.99
CA LEU D 21 -22.69 21.96 39.20
C LEU D 21 -23.89 22.90 39.13
N ALA D 22 -24.26 23.33 37.92
CA ALA D 22 -25.30 24.35 37.80
C ALA D 22 -26.70 23.77 37.99
N ASN D 23 -26.88 22.48 37.72
CA ASN D 23 -28.20 21.87 37.84
C ASN D 23 -28.42 21.40 39.27
N PRO D 24 -29.49 21.83 39.95
CA PRO D 24 -29.67 21.48 41.36
C PRO D 24 -30.15 20.06 41.62
N SER D 25 -30.58 19.32 40.60
CA SER D 25 -30.98 17.93 40.79
C SER D 25 -29.81 16.98 40.62
N ILE D 26 -28.61 17.48 40.35
CA ILE D 26 -27.41 16.67 40.21
C ILE D 26 -26.63 16.70 41.53
N GLU D 27 -26.17 15.53 41.95
CA GLU D 27 -25.31 15.41 43.12
C GLU D 27 -23.99 14.80 42.67
N ILE D 28 -22.96 15.64 42.54
CA ILE D 28 -21.62 15.17 42.26
C ILE D 28 -21.04 14.60 43.55
N VAL D 29 -20.89 13.29 43.61
CA VAL D 29 -20.44 12.62 44.83
C VAL D 29 -18.93 12.41 44.86
N GLY D 30 -18.22 12.75 43.79
CA GLY D 30 -16.79 12.55 43.73
C GLY D 30 -16.26 12.75 42.33
N ILE D 31 -15.06 13.32 42.21
CA ILE D 31 -14.43 13.59 40.92
C ILE D 31 -13.07 12.91 40.91
N SER D 32 -12.88 11.97 39.99
CA SER D 32 -11.62 11.27 39.80
C SER D 32 -10.80 11.95 38.70
N CYS D 33 -9.48 11.85 38.81
CA CYS D 33 -8.58 12.61 37.97
C CYS D 33 -7.60 11.67 37.28
N ILE D 34 -7.33 11.92 36.00
CA ILE D 34 -6.43 11.10 35.19
C ILE D 34 -5.69 12.01 34.23
N GLY D 35 -4.45 11.63 33.91
CA GLY D 35 -3.71 12.37 32.90
C GLY D 35 -4.40 12.31 31.55
N GLY D 36 -4.18 13.37 30.76
CA GLY D 36 -4.79 13.46 29.45
C GLY D 36 -4.47 14.77 28.77
N ASN D 37 -5.42 15.72 28.80
CA ASN D 37 -5.14 17.06 28.28
C ASN D 37 -3.88 17.64 28.88
N ALA D 38 -3.60 17.32 30.16
CA ALA D 38 -2.37 17.73 30.81
C ALA D 38 -2.03 16.70 31.88
N SER D 39 -1.01 17.00 32.68
CA SER D 39 -0.58 16.10 33.73
C SER D 39 -1.68 15.87 34.76
N LEU D 40 -1.65 14.70 35.40
CA LEU D 40 -2.53 14.44 36.53
C LEU D 40 -2.40 15.53 37.59
N GLN D 41 -1.18 15.98 37.83
CA GLN D 41 -0.91 17.01 38.82
C GLN D 41 -1.61 18.31 38.45
N ASN D 42 -1.66 18.63 37.17
CA ASN D 42 -2.39 19.81 36.72
C ASN D 42 -3.90 19.57 36.73
N VAL D 43 -4.34 18.34 36.43
CA VAL D 43 -5.76 18.04 36.46
C VAL D 43 -6.32 18.24 37.86
N ILE D 44 -5.60 17.79 38.88
CA ILE D 44 -6.05 17.99 40.25
C ILE D 44 -6.12 19.47 40.58
N ARG D 45 -5.12 20.24 40.12
CA ARG D 45 -5.16 21.68 40.30
C ARG D 45 -6.30 22.32 39.53
N ASN D 46 -6.67 21.76 38.38
CA ASN D 46 -7.67 22.39 37.52
C ASN D 46 -9.09 22.09 37.96
N VAL D 47 -9.32 20.93 38.57
CA VAL D 47 -10.62 20.68 39.20
C VAL D 47 -10.80 21.58 40.41
N ASN D 48 -9.72 21.78 41.17
CA ASN D 48 -9.79 22.66 42.34
C ASN D 48 -10.16 24.08 41.93
N ARG D 49 -9.51 24.61 40.89
CA ARG D 49 -9.86 25.93 40.37
C ARG D 49 -11.34 25.98 40.02
N THR D 50 -11.83 24.99 39.27
CA THR D 50 -13.20 25.02 38.76
C THR D 50 -14.22 25.00 39.90
N LEU D 51 -13.98 24.19 40.93
CA LEU D 51 -14.89 24.17 42.06
C LEU D 51 -14.82 25.48 42.85
N LYS D 52 -13.62 26.05 42.99
CA LYS D 52 -13.49 27.33 43.68
C LYS D 52 -14.20 28.44 42.92
N VAL D 53 -14.12 28.43 41.60
CA VAL D 53 -14.79 29.45 40.80
C VAL D 53 -16.31 29.33 40.97
N TRP D 54 -16.83 28.11 40.96
CA TRP D 54 -18.28 27.93 41.11
C TRP D 54 -18.73 28.31 42.52
N GLY D 55 -18.07 27.76 43.54
CA GLY D 55 -18.35 28.17 44.89
C GLY D 55 -18.82 27.03 45.78
N LYS D 56 -18.57 25.79 45.35
CA LYS D 56 -18.94 24.61 46.14
C LYS D 56 -17.79 23.61 46.07
N THR D 57 -16.91 23.64 47.09
CA THR D 57 -15.75 22.76 47.18
C THR D 57 -15.97 21.59 48.16
N ASP D 58 -17.21 21.16 48.36
CA ASP D 58 -17.56 20.04 49.24
C ASP D 58 -17.52 18.70 48.51
N ILE D 59 -16.94 18.64 47.32
CA ILE D 59 -16.90 17.43 46.50
C ILE D 59 -15.51 16.83 46.61
N PRO D 60 -15.38 15.56 46.98
CA PRO D 60 -14.05 14.96 47.10
C PRO D 60 -13.39 14.76 45.75
N ILE D 61 -12.08 15.00 45.71
CA ILE D 61 -11.27 14.89 44.49
C ILE D 61 -10.25 13.78 44.71
N PHE D 62 -10.13 12.89 43.72
CA PHE D 62 -9.25 11.73 43.83
C PHE D 62 -8.25 11.71 42.67
N GLY D 63 -6.97 11.58 43.01
CA GLY D 63 -5.95 11.37 42.01
C GLY D 63 -5.94 9.92 41.56
N GLY D 64 -5.91 9.72 40.24
CA GLY D 64 -5.91 8.39 39.64
C GLY D 64 -4.51 7.94 39.25
N CYS D 65 -4.43 7.21 38.14
CA CYS D 65 -3.18 6.62 37.69
C CYS D 65 -2.32 7.65 36.96
N GLN D 66 -1.02 7.41 36.96
CA GLN D 66 -0.04 8.36 36.42
C GLN D 66 0.19 8.21 34.92
N ALA D 67 -0.34 7.17 34.29
CA ALA D 67 -0.02 6.90 32.89
C ALA D 67 -1.07 5.94 32.35
N PRO D 68 -1.14 5.79 31.02
CA PRO D 68 -2.01 4.76 30.46
C PRO D 68 -1.57 3.36 30.87
N LEU D 69 -2.49 2.40 30.70
CA LEU D 69 -2.19 1.01 31.04
C LEU D 69 -0.95 0.51 30.33
N VAL D 70 -0.95 0.60 28.99
CA VAL D 70 0.10 0.05 28.16
C VAL D 70 0.81 1.12 27.35
N GLN D 71 0.05 2.06 26.79
CA GLN D 71 0.63 3.04 25.89
C GLN D 71 1.48 4.06 26.65
N PRO D 72 2.46 4.66 25.99
CA PRO D 72 3.15 5.82 26.59
C PRO D 72 2.20 7.00 26.71
N LYS D 73 2.60 7.97 27.52
CA LYS D 73 1.80 9.19 27.68
C LYS D 73 1.60 9.91 26.35
N MET D 74 2.46 9.65 25.36
CA MET D 74 2.40 10.08 23.95
C MET D 74 2.29 11.60 23.78
N GLU D 75 2.68 12.08 22.60
CA GLU D 75 2.86 13.51 22.35
C GLU D 75 1.55 14.25 22.55
N ILE D 76 1.55 15.20 23.49
CA ILE D 76 0.40 16.05 23.75
C ILE D 76 0.73 17.47 23.30
N PRO D 77 0.43 17.80 22.02
CA PRO D 77 0.66 19.18 21.60
C PRO D 77 -0.36 19.94 22.43
N HIS D 78 0.09 20.47 23.57
CA HIS D 78 -0.73 21.13 24.56
C HIS D 78 -1.73 22.09 23.97
N ILE D 79 -2.88 21.59 23.54
CA ILE D 79 -3.83 22.55 23.00
C ILE D 79 -4.60 23.25 24.11
N HIS D 80 -4.75 22.61 25.27
CA HIS D 80 -5.42 23.22 26.40
C HIS D 80 -4.49 24.11 27.22
N GLY D 81 -3.35 24.50 26.67
CA GLY D 81 -2.43 25.38 27.36
C GLY D 81 -1.38 24.63 28.16
N GLY D 82 -0.46 25.41 28.74
CA GLY D 82 0.61 24.82 29.51
C GLY D 82 0.11 24.15 30.77
N ASP D 83 -0.75 24.83 31.53
CA ASP D 83 -1.29 24.30 32.78
C ASP D 83 -2.51 23.41 32.56
N GLY D 84 -3.00 23.30 31.33
CA GLY D 84 -4.16 22.48 31.03
C GLY D 84 -5.48 23.22 31.06
N LEU D 85 -5.52 24.46 31.53
CA LEU D 85 -6.75 25.23 31.62
C LEU D 85 -6.59 26.61 31.03
N GLY D 86 -5.92 26.69 29.87
CA GLY D 86 -5.78 27.97 29.20
C GLY D 86 -4.81 28.94 29.86
N ASP D 87 -3.91 28.43 30.70
CA ASP D 87 -2.84 29.25 31.30
C ASP D 87 -3.41 30.47 32.02
N ILE D 88 -4.48 30.28 32.78
CA ILE D 88 -5.11 31.38 33.48
C ILE D 88 -4.32 31.70 34.75
N ASN D 89 -4.50 32.93 35.24
CA ASN D 89 -3.79 33.42 36.42
C ASN D 89 -4.71 33.28 37.63
N ASP D 90 -4.26 32.51 38.62
CA ASP D 90 -5.08 32.27 39.81
C ASP D 90 -5.44 33.57 40.53
N ASN D 91 -4.56 34.57 40.48
CA ASN D 91 -4.85 35.85 41.11
C ASN D 91 -6.04 36.56 40.47
N ASP D 92 -6.33 36.26 39.20
CA ASP D 92 -7.50 36.81 38.53
C ASP D 92 -8.80 36.14 38.95
N PHE D 93 -8.74 35.01 39.66
CA PHE D 93 -9.95 34.26 40.00
C PHE D 93 -10.05 33.92 41.48
N GLY D 94 -9.17 34.48 42.31
CA GLY D 94 -9.20 34.16 43.73
C GLY D 94 -8.86 32.73 44.07
N THR D 95 -8.26 31.99 43.13
CA THR D 95 -7.92 30.59 43.35
C THR D 95 -6.47 30.41 43.79
N ASN D 96 -5.85 31.45 44.32
CA ASN D 96 -4.50 31.35 44.89
C ASN D 96 -4.58 30.88 46.33
N THR D 97 -5.17 29.71 46.51
CA THR D 97 -5.50 29.14 47.81
C THR D 97 -5.15 27.67 47.80
N PRO D 98 -5.05 27.03 48.97
CA PRO D 98 -4.65 25.62 49.00
C PRO D 98 -5.60 24.73 48.23
N ASN D 99 -5.06 23.61 47.73
CA ASN D 99 -5.83 22.61 47.00
C ASN D 99 -6.36 21.56 47.96
N LYS D 100 -7.43 20.90 47.54
CA LYS D 100 -8.00 19.77 48.25
C LYS D 100 -7.78 18.50 47.45
N LEU D 101 -7.38 17.44 48.14
CA LEU D 101 -7.05 16.17 47.47
C LEU D 101 -7.17 15.07 48.50
N GLU D 102 -7.96 14.04 48.18
CA GLU D 102 -8.18 12.95 49.12
C GLU D 102 -6.96 12.03 49.18
N LYS D 103 -6.87 11.28 50.29
CA LYS D 103 -5.79 10.32 50.44
C LYS D 103 -5.97 9.10 49.54
N GLU D 104 -7.20 8.75 49.21
CA GLU D 104 -7.48 7.50 48.53
C GLU D 104 -7.22 7.61 47.03
N HIS D 105 -6.68 6.53 46.46
CA HIS D 105 -6.54 6.41 45.01
C HIS D 105 -7.91 6.37 44.35
N ALA D 106 -8.00 6.98 43.17
CA ALA D 106 -9.28 7.10 42.49
C ALA D 106 -9.91 5.75 42.21
N VAL D 107 -9.09 4.74 41.91
CA VAL D 107 -9.63 3.41 41.61
C VAL D 107 -10.37 2.86 42.83
N ASN D 108 -9.76 2.97 44.01
CA ASN D 108 -10.36 2.41 45.22
C ASN D 108 -11.58 3.23 45.66
N ALA D 109 -11.53 4.55 45.49
CA ALA D 109 -12.67 5.38 45.84
C ALA D 109 -13.84 5.15 44.89
N LEU D 110 -13.57 4.85 43.62
CA LEU D 110 -14.65 4.53 42.69
C LEU D 110 -15.31 3.21 43.06
N ILE D 111 -14.49 2.19 43.34
CA ILE D 111 -15.01 0.90 43.77
C ILE D 111 -15.90 1.06 44.99
N HIS D 112 -15.44 1.85 45.96
CA HIS D 112 -16.20 2.03 47.20
C HIS D 112 -17.50 2.78 46.95
N ALA D 113 -17.48 3.78 46.05
CA ALA D 113 -18.72 4.48 45.73
C ALA D 113 -19.72 3.58 45.02
N ALA D 114 -19.23 2.65 44.19
CA ALA D 114 -20.12 1.77 43.47
C ALA D 114 -20.81 0.78 44.41
N ASN D 115 -20.15 0.42 45.52
CA ASN D 115 -20.69 -0.57 46.44
C ASN D 115 -21.55 0.02 47.54
N THR D 116 -21.46 1.34 47.79
CA THR D 116 -22.15 1.95 48.93
C THR D 116 -23.06 3.10 48.55
N ILE D 117 -23.29 3.36 47.27
CA ILE D 117 -24.15 4.46 46.84
C ILE D 117 -25.17 3.91 45.84
N GLU D 118 -26.45 4.03 46.19
CA GLU D 118 -27.50 3.52 45.32
C GLU D 118 -27.71 4.47 44.14
N ASP D 119 -27.84 3.89 42.95
CA ASP D 119 -28.20 4.62 41.74
C ASP D 119 -27.14 5.65 41.36
N LEU D 120 -25.88 5.22 41.37
CA LEU D 120 -24.77 6.08 41.01
C LEU D 120 -24.52 5.98 39.50
N ASN D 121 -24.45 7.14 38.84
CA ASN D 121 -24.07 7.23 37.44
C ASN D 121 -22.67 7.79 37.35
N ILE D 122 -21.97 7.46 36.26
CA ILE D 122 -20.60 7.91 36.04
C ILE D 122 -20.54 8.70 34.74
N LEU D 123 -19.79 9.80 34.76
CA LEU D 123 -19.56 10.63 33.58
C LEU D 123 -18.07 10.65 33.30
N CYS D 124 -17.67 10.06 32.17
CA CYS D 124 -16.27 9.90 31.83
C CYS D 124 -15.89 10.95 30.78
N LEU D 125 -14.94 11.81 31.13
CA LEU D 125 -14.51 12.90 30.25
C LEU D 125 -13.06 12.77 29.82
N ALA D 126 -12.49 11.59 29.95
CA ALA D 126 -11.03 11.49 29.84
C ALA D 126 -10.63 10.09 29.40
N PRO D 127 -9.33 9.83 29.20
CA PRO D 127 -8.90 8.44 29.00
C PRO D 127 -9.40 7.57 30.14
N LEU D 128 -9.80 6.34 29.80
CA LEU D 128 -10.54 5.47 30.70
C LEU D 128 -9.64 4.55 31.53
N THR D 129 -8.45 5.01 31.91
CA THR D 129 -7.53 4.16 32.66
C THR D 129 -8.09 3.81 34.03
N ASN D 130 -8.60 4.80 34.76
CA ASN D 130 -9.13 4.54 36.10
C ASN D 130 -10.29 3.55 36.06
N ILE D 131 -11.18 3.70 35.08
CA ILE D 131 -12.39 2.88 35.06
C ILE D 131 -12.06 1.44 34.69
N ALA D 132 -11.17 1.26 33.71
CA ALA D 132 -10.76 -0.09 33.32
C ALA D 132 -10.10 -0.82 34.49
N ILE D 133 -9.26 -0.12 35.23
CA ILE D 133 -8.55 -0.74 36.35
C ILE D 133 -9.53 -1.09 37.47
N ALA D 134 -10.52 -0.23 37.72
CA ALA D 134 -11.56 -0.56 38.68
C ALA D 134 -12.45 -1.68 38.16
N LEU D 135 -12.66 -1.74 36.84
CA LEU D 135 -13.35 -2.87 36.25
C LEU D 135 -12.51 -4.14 36.35
N SER D 136 -11.19 -3.99 36.19
CA SER D 136 -10.30 -5.15 36.35
C SER D 136 -10.37 -5.71 37.76
N MET D 137 -10.31 -4.84 38.77
CA MET D 137 -10.21 -5.30 40.15
C MET D 137 -11.55 -5.78 40.70
N ALA D 138 -12.63 -5.05 40.43
CA ALA D 138 -13.93 -5.36 41.01
C ALA D 138 -15.02 -5.19 39.97
N PRO D 139 -15.17 -6.17 39.06
CA PRO D 139 -16.36 -6.16 38.18
C PRO D 139 -17.64 -6.21 38.98
N GLU D 140 -17.62 -6.95 40.10
CA GLU D 140 -18.73 -6.97 41.03
C GLU D 140 -19.21 -5.58 41.39
N ALA D 141 -18.28 -4.64 41.56
CA ALA D 141 -18.63 -3.33 42.09
C ALA D 141 -19.08 -2.38 40.99
N ILE D 142 -18.31 -2.28 39.90
CA ILE D 142 -18.58 -1.30 38.86
C ILE D 142 -19.82 -1.68 38.05
N LEU D 143 -20.25 -2.94 38.10
CA LEU D 143 -21.48 -3.31 37.41
C LEU D 143 -22.73 -2.89 38.18
N LYS D 144 -22.60 -2.50 39.45
CA LYS D 144 -23.70 -1.87 40.18
C LYS D 144 -23.99 -0.46 39.70
N ILE D 145 -23.19 0.08 38.78
CA ILE D 145 -23.40 1.42 38.25
C ILE D 145 -24.54 1.37 37.25
N LYS D 146 -25.49 2.30 37.40
CA LYS D 146 -26.69 2.29 36.56
C LYS D 146 -26.34 2.60 35.11
N HIS D 147 -25.64 3.69 34.86
CA HIS D 147 -25.37 4.11 33.49
C HIS D 147 -23.97 4.71 33.38
N PHE D 148 -23.35 4.49 32.22
CA PHE D 148 -22.09 5.09 31.86
C PHE D 148 -22.35 6.17 30.81
N TYR D 149 -21.82 7.37 31.04
CA TYR D 149 -21.82 8.44 30.05
C TYR D 149 -20.36 8.75 29.72
N ILE D 150 -19.99 8.55 28.47
CA ILE D 150 -18.58 8.58 28.06
C ILE D 150 -18.43 9.50 26.86
N MET D 151 -17.58 10.51 27.00
CA MET D 151 -17.11 11.28 25.86
C MET D 151 -15.86 10.59 25.31
N GLY D 152 -15.94 10.13 24.07
CA GLY D 152 -14.79 9.46 23.48
C GLY D 152 -15.15 8.88 22.13
N GLY D 153 -14.09 8.47 21.42
CA GLY D 153 -14.24 7.77 20.15
C GLY D 153 -14.80 8.64 19.04
N ALA D 154 -15.00 8.01 17.89
CA ALA D 154 -15.61 8.66 16.73
C ALA D 154 -16.08 7.55 15.79
N GLU D 155 -17.39 7.25 15.83
CA GLU D 155 -17.92 6.18 14.99
C GLU D 155 -17.94 6.53 13.52
N ASN D 156 -17.51 7.72 13.14
CA ASN D 156 -17.35 8.09 11.73
C ASN D 156 -15.96 7.81 11.20
N GLY D 157 -15.04 7.35 12.05
CA GLY D 157 -13.67 7.13 11.64
C GLY D 157 -12.81 8.38 11.61
N LYS D 158 -13.38 9.56 11.87
CA LYS D 158 -12.66 10.82 11.83
C LYS D 158 -12.36 11.26 13.27
N GLY D 159 -11.13 11.05 13.71
CA GLY D 159 -10.71 11.44 15.03
C GLY D 159 -10.19 12.86 15.08
N ASN D 160 -9.28 13.12 16.02
CA ASN D 160 -8.65 14.42 16.12
C ASN D 160 -7.13 14.28 16.33
N ILE D 161 -6.72 13.53 17.34
CA ILE D 161 -5.30 13.38 17.62
C ILE D 161 -4.62 12.55 16.54
N THR D 162 -5.34 11.58 15.98
CA THR D 162 -4.97 10.79 14.82
C THR D 162 -6.14 10.91 13.85
N PRO D 163 -5.88 10.92 12.53
CA PRO D 163 -7.01 10.99 11.59
C PRO D 163 -8.06 9.95 11.88
N TYR D 164 -7.65 8.85 12.48
CA TYR D 164 -8.53 7.81 12.98
C TYR D 164 -8.40 7.79 14.49
N GLY D 165 -9.54 7.88 15.20
CA GLY D 165 -9.51 7.76 16.64
C GLY D 165 -9.45 9.07 17.38
N GLU D 166 -10.34 9.23 18.36
CA GLU D 166 -10.44 10.40 19.22
C GLU D 166 -9.39 10.31 20.34
N PHE D 167 -9.10 11.47 20.94
CA PHE D 167 -8.00 11.57 21.90
C PHE D 167 -8.18 10.62 23.08
N ASN D 168 -9.34 10.64 23.72
CA ASN D 168 -9.53 9.90 24.96
C ASN D 168 -9.36 8.40 24.75
N TRP D 169 -9.81 7.87 23.61
CA TRP D 169 -9.66 6.46 23.34
C TRP D 169 -8.38 6.13 22.58
N ARG D 170 -7.74 7.13 21.97
CA ARG D 170 -6.40 6.92 21.43
C ARG D 170 -5.35 6.97 22.53
N ALA D 171 -5.59 7.77 23.58
CA ALA D 171 -4.62 7.89 24.66
C ALA D 171 -4.51 6.61 25.48
N ASP D 172 -5.60 5.85 25.58
CA ASP D 172 -5.59 4.56 26.27
C ASP D 172 -6.58 3.64 25.58
N PRO D 173 -6.20 3.06 24.44
CA PRO D 173 -7.14 2.19 23.72
C PRO D 173 -7.48 0.92 24.47
N GLU D 174 -6.49 0.31 25.13
CA GLU D 174 -6.75 -0.92 25.87
C GLU D 174 -7.78 -0.68 26.97
N ALA D 175 -7.70 0.46 27.65
CA ALA D 175 -8.68 0.77 28.70
C ALA D 175 -10.07 1.01 28.11
N ALA D 176 -10.13 1.70 26.97
CA ALA D 176 -11.42 1.90 26.31
C ALA D 176 -12.05 0.57 25.91
N GLN D 177 -11.23 -0.35 25.38
CA GLN D 177 -11.73 -1.67 25.03
C GLN D 177 -12.16 -2.45 26.27
N ILE D 178 -11.47 -2.27 27.39
CA ILE D 178 -11.84 -2.98 28.63
C ILE D 178 -13.23 -2.55 29.08
N VAL D 179 -13.51 -1.24 29.06
CA VAL D 179 -14.81 -0.74 29.49
C VAL D 179 -15.91 -1.27 28.57
N LEU D 180 -15.66 -1.21 27.25
CA LEU D 180 -16.67 -1.63 26.29
C LEU D 180 -17.00 -3.12 26.44
N GLN D 181 -15.98 -3.96 26.57
CA GLN D 181 -16.18 -5.40 26.64
C GLN D 181 -16.49 -5.92 28.03
N THR D 182 -16.62 -5.04 29.03
CA THR D 182 -16.98 -5.51 30.36
C THR D 182 -18.17 -4.78 30.96
N TYR D 183 -18.29 -3.47 30.76
CA TYR D 183 -19.51 -2.81 31.21
C TYR D 183 -20.54 -2.84 30.08
N PRO D 184 -21.79 -3.21 30.35
CA PRO D 184 -22.77 -3.46 29.28
C PRO D 184 -22.96 -2.23 28.40
N GLN D 185 -22.67 -2.40 27.10
CA GLN D 185 -22.81 -1.29 26.16
C GLN D 185 -24.24 -0.79 26.05
N TYR D 186 -25.23 -1.62 26.43
CA TYR D 186 -26.61 -1.15 26.42
C TYR D 186 -26.85 -0.11 27.50
N GLN D 187 -26.10 -0.17 28.61
CA GLN D 187 -26.17 0.84 29.65
C GLN D 187 -25.08 1.89 29.47
N THR D 188 -24.91 2.36 28.24
CA THR D 188 -23.83 3.28 27.91
C THR D 188 -24.28 4.26 26.83
N THR D 189 -24.09 5.54 27.09
CA THR D 189 -24.33 6.60 26.12
C THR D 189 -22.99 7.23 25.74
N ILE D 190 -22.85 7.60 24.48
CA ILE D 190 -21.57 8.06 23.95
C ILE D 190 -21.75 9.44 23.30
N ALA D 191 -21.05 10.43 23.83
CA ALA D 191 -20.87 11.70 23.15
C ALA D 191 -19.59 11.60 22.33
N SER D 192 -19.75 11.28 21.05
CA SER D 192 -18.60 10.95 20.21
C SER D 192 -17.88 12.22 19.75
N TRP D 193 -16.73 12.01 19.09
CA TRP D 193 -16.12 13.12 18.37
C TRP D 193 -16.88 13.42 17.09
N THR D 194 -17.62 12.43 16.55
CA THR D 194 -18.63 12.72 15.54
C THR D 194 -19.57 13.82 16.02
N LEU D 195 -19.98 13.76 17.28
CA LEU D 195 -20.93 14.70 17.83
C LEU D 195 -20.30 16.06 18.10
N ALA D 196 -19.02 16.12 18.46
CA ALA D 196 -18.39 17.38 18.82
C ALA D 196 -18.20 18.27 17.60
N VAL D 197 -17.83 17.69 16.46
CA VAL D 197 -17.67 18.48 15.24
C VAL D 197 -19.03 18.75 14.60
N PHE D 198 -19.99 17.86 14.80
CA PHE D 198 -21.32 18.05 14.21
C PHE D 198 -22.01 19.27 14.81
N ASN D 199 -22.19 19.28 16.13
CA ASN D 199 -22.80 20.41 16.82
C ASN D 199 -21.76 21.46 17.17
N SER D 200 -21.00 21.93 16.19
CA SER D 200 -19.87 22.82 16.43
C SER D 200 -20.23 24.24 16.02
N PHE D 201 -20.27 25.14 17.00
CA PHE D 201 -20.59 26.54 16.77
C PHE D 201 -19.32 27.31 16.41
N ASN D 202 -19.48 28.30 15.53
CA ASN D 202 -18.45 29.31 15.35
C ASN D 202 -18.56 30.32 16.48
N ALA D 203 -17.44 30.63 17.12
CA ALA D 203 -17.47 31.49 18.30
C ALA D 203 -17.81 32.93 17.96
N ASN D 204 -17.61 33.35 16.71
CA ASN D 204 -17.91 34.74 16.34
C ASN D 204 -19.35 34.95 15.90
N ASP D 205 -20.20 33.92 16.00
CA ASP D 205 -21.64 34.06 15.80
C ASP D 205 -22.42 33.88 17.09
N TYR D 206 -21.75 33.60 18.20
CA TYR D 206 -22.36 33.54 19.51
C TYR D 206 -21.50 34.34 20.49
N ASP D 207 -22.07 34.68 21.63
CA ASP D 207 -21.32 35.34 22.69
C ASP D 207 -21.38 34.59 24.02
N PHE D 208 -21.82 33.33 24.01
CA PHE D 208 -21.93 32.59 25.27
C PHE D 208 -20.58 32.16 25.84
N PHE D 209 -19.48 32.40 25.11
CA PHE D 209 -18.14 32.14 25.63
C PHE D 209 -17.30 33.41 25.72
N ASN D 210 -17.94 34.59 25.63
CA ASN D 210 -17.26 35.87 25.77
C ASN D 210 -18.19 36.83 26.54
N LEU D 211 -18.31 36.61 27.84
CA LEU D 211 -19.06 37.47 28.72
C LEU D 211 -18.22 37.83 29.94
N ASP D 212 -18.58 38.92 30.60
CA ASP D 212 -18.15 39.19 31.97
C ASP D 212 -19.37 39.68 32.74
N GLY D 213 -19.13 40.24 33.93
CA GLY D 213 -20.17 40.57 34.87
C GLY D 213 -20.10 39.77 36.15
N ASN D 214 -19.58 38.54 36.08
CA ASN D 214 -19.33 37.74 37.27
C ASN D 214 -18.08 36.90 37.02
N LEU D 215 -17.68 36.15 38.05
CA LEU D 215 -16.45 35.37 37.98
C LEU D 215 -16.60 34.15 37.08
N VAL D 216 -17.81 33.59 36.98
CA VAL D 216 -18.00 32.39 36.16
C VAL D 216 -17.88 32.73 34.68
N ARG D 217 -18.39 33.90 34.28
CA ARG D 217 -18.26 34.31 32.88
C ARG D 217 -16.80 34.59 32.53
N ARG D 218 -16.04 35.15 33.47
CA ARG D 218 -14.61 35.39 33.22
C ARG D 218 -13.85 34.08 33.08
N PHE D 219 -14.14 33.12 33.96
CA PHE D 219 -13.52 31.80 33.86
C PHE D 219 -13.80 31.16 32.51
N ILE D 220 -15.07 31.18 32.09
CA ILE D 220 -15.44 30.57 30.82
C ILE D 220 -14.77 31.30 29.66
N ARG D 221 -14.73 32.64 29.73
CA ARG D 221 -14.16 33.42 28.64
C ARG D 221 -12.65 33.21 28.52
N GLU D 222 -11.95 33.23 29.66
CA GLU D 222 -10.50 33.13 29.62
C GLU D 222 -10.02 31.71 29.34
N THR D 223 -10.77 30.69 29.78
CA THR D 223 -10.34 29.32 29.54
C THR D 223 -10.57 28.91 28.09
N TRP D 224 -11.67 29.35 27.49
CA TRP D 224 -11.95 29.00 26.10
C TRP D 224 -11.18 29.85 25.11
N LYS D 225 -10.61 30.97 25.54
CA LYS D 225 -9.87 31.86 24.64
C LYS D 225 -8.79 31.15 23.83
N PRO D 226 -7.93 30.30 24.41
CA PRO D 226 -6.96 29.58 23.56
C PRO D 226 -7.61 28.60 22.60
N ILE D 227 -8.53 27.76 23.08
CA ILE D 227 -9.10 26.72 22.23
C ILE D 227 -9.88 27.34 21.06
N ILE D 228 -10.54 28.47 21.30
CA ILE D 228 -11.21 29.18 20.22
C ILE D 228 -10.20 29.66 19.18
N ALA D 229 -9.04 30.13 19.63
CA ALA D 229 -8.05 30.68 18.71
C ALA D 229 -7.43 29.60 17.83
N PHE D 230 -7.34 28.36 18.31
CA PHE D 230 -6.73 27.30 17.53
C PHE D 230 -7.55 27.01 16.28
N ASP D 231 -8.82 26.63 16.47
CA ASP D 231 -9.70 26.36 15.34
C ASP D 231 -9.99 27.66 14.58
N GLY D 232 -10.81 27.57 13.54
CA GLY D 232 -11.23 28.75 12.82
C GLY D 232 -12.23 29.56 13.62
N GLY D 233 -11.95 29.77 14.90
CA GLY D 233 -12.92 30.34 15.80
C GLY D 233 -14.10 29.43 16.08
N ARG D 234 -13.90 28.13 15.96
CA ARG D 234 -14.98 27.17 16.12
C ARG D 234 -15.07 26.69 17.58
N ILE D 235 -16.17 26.03 17.89
CA ILE D 235 -16.45 25.53 19.23
C ILE D 235 -16.93 24.09 19.07
N CYS D 236 -16.05 23.13 19.34
CA CYS D 236 -16.47 21.74 19.36
C CYS D 236 -16.54 21.25 20.80
N PRO D 237 -17.68 21.46 21.48
CA PRO D 237 -17.77 21.22 22.93
C PRO D 237 -17.95 19.75 23.27
N ALA D 238 -16.87 19.00 23.11
CA ALA D 238 -16.89 17.57 23.36
C ALA D 238 -17.39 17.21 24.76
N ASP D 239 -16.61 17.60 25.77
CA ASP D 239 -16.96 17.32 27.15
C ASP D 239 -18.33 17.87 27.56
N PRO D 240 -18.57 19.16 27.32
CA PRO D 240 -19.85 19.78 27.69
C PRO D 240 -21.05 19.11 27.06
N LEU D 241 -20.92 18.62 25.82
CA LEU D 241 -22.03 17.88 25.21
C LEU D 241 -22.30 16.60 25.97
N ALA D 242 -21.24 15.90 26.40
CA ALA D 242 -21.42 14.69 27.19
C ALA D 242 -22.12 15.00 28.52
N ALA D 243 -21.70 16.07 29.19
CA ALA D 243 -22.37 16.47 30.43
C ALA D 243 -23.80 16.93 30.15
N PHE D 244 -24.03 17.57 29.00
CA PHE D 244 -25.37 17.99 28.63
C PHE D 244 -26.31 16.80 28.50
N ILE D 245 -25.84 15.73 27.85
CA ILE D 245 -26.66 14.53 27.70
C ILE D 245 -26.92 13.88 29.04
N ALA D 246 -25.87 13.73 29.85
CA ALA D 246 -26.00 13.03 31.13
C ALA D 246 -26.97 13.74 32.07
N VAL D 247 -27.03 15.07 32.00
CA VAL D 247 -27.85 15.83 32.94
C VAL D 247 -29.26 16.05 32.41
N TYR D 248 -29.40 16.36 31.13
CA TYR D 248 -30.69 16.78 30.58
C TYR D 248 -31.36 15.71 29.72
N GLY D 249 -30.98 14.45 29.93
CA GLY D 249 -31.77 13.30 29.48
C GLY D 249 -32.14 13.32 28.01
N ASP D 250 -33.40 13.00 27.73
CA ASP D 250 -33.86 12.80 26.37
C ASP D 250 -33.94 14.11 25.60
N ARG D 251 -34.29 15.22 26.26
CA ARG D 251 -34.34 16.49 25.55
C ARG D 251 -32.97 16.97 25.11
N ALA D 252 -31.89 16.39 25.64
CA ALA D 252 -30.57 16.70 25.11
C ALA D 252 -30.36 16.01 23.78
N ILE D 253 -31.01 14.87 23.57
CA ILE D 253 -30.80 14.02 22.40
C ILE D 253 -31.85 14.33 21.35
N LYS D 254 -31.40 14.43 20.09
CA LYS D 254 -32.31 14.63 18.96
C LYS D 254 -32.46 13.30 18.22
N ARG D 255 -31.39 12.85 17.56
CA ARG D 255 -31.32 11.57 16.87
C ARG D 255 -30.18 10.76 17.44
N ALA D 256 -30.40 9.45 17.58
CA ALA D 256 -29.42 8.58 18.19
C ALA D 256 -29.54 7.18 17.62
N GLU D 257 -28.40 6.61 17.24
CA GLU D 257 -28.32 5.28 16.65
C GLU D 257 -27.65 4.34 17.64
N ARG D 258 -28.33 3.25 17.98
CA ARG D 258 -27.73 2.19 18.79
C ARG D 258 -26.69 1.44 17.96
N LEU D 259 -25.43 1.54 18.37
CA LEU D 259 -24.33 0.87 17.67
C LEU D 259 -23.44 0.16 18.68
N HIS D 260 -22.95 -1.02 18.31
CA HIS D 260 -21.99 -1.75 19.13
C HIS D 260 -20.59 -1.25 18.79
N LEU D 261 -19.83 -0.81 19.79
CA LEU D 261 -18.50 -0.29 19.56
C LEU D 261 -17.44 -1.27 20.06
N SER D 262 -16.28 -1.19 19.42
CA SER D 262 -15.12 -1.98 19.80
C SER D 262 -13.87 -1.23 19.35
N MET D 263 -12.73 -1.62 19.90
CA MET D 263 -11.49 -0.89 19.71
C MET D 263 -10.56 -1.64 18.78
N VAL D 264 -9.86 -0.89 17.93
CA VAL D 264 -8.74 -1.41 17.15
C VAL D 264 -7.49 -1.19 18.00
N LEU D 265 -7.04 -2.25 18.67
CA LEU D 265 -5.88 -2.21 19.55
C LEU D 265 -4.59 -2.54 18.83
N GLU D 266 -4.52 -2.28 17.52
CA GLU D 266 -3.45 -2.76 16.67
C GLU D 266 -3.25 -1.76 15.54
N GLY D 267 -2.08 -1.83 14.90
CA GLY D 267 -1.89 -1.33 13.56
C GLY D 267 -1.74 0.17 13.47
N GLU D 268 -1.34 0.61 12.27
CA GLU D 268 -1.15 2.01 11.92
C GLU D 268 -2.31 2.89 12.36
N LYS D 269 -3.54 2.45 12.16
CA LYS D 269 -4.70 3.16 12.70
C LYS D 269 -5.01 2.54 14.06
N LEU D 270 -4.58 3.24 15.11
CA LEU D 270 -4.63 2.77 16.48
C LEU D 270 -5.57 3.65 17.30
N GLY D 271 -6.49 3.01 18.02
CA GLY D 271 -7.36 3.75 18.93
C GLY D 271 -8.68 4.26 18.36
N MET D 272 -9.36 3.46 17.55
CA MET D 272 -10.61 3.86 16.93
C MET D 272 -11.74 2.93 17.34
N SER D 273 -12.95 3.45 17.23
CA SER D 273 -14.16 2.74 17.64
C SER D 273 -14.79 2.11 16.40
N LEU D 274 -14.79 0.78 16.36
CA LEU D 274 -15.46 0.06 15.29
C LEU D 274 -16.96 0.11 15.53
N ALA D 275 -17.69 0.78 14.64
CA ALA D 275 -19.13 0.96 14.78
C ALA D 275 -19.86 -0.08 13.92
N GLU D 276 -20.80 -0.79 14.53
CA GLU D 276 -21.70 -1.69 13.83
C GLU D 276 -23.03 -1.68 14.55
N PRO D 277 -24.13 -1.82 13.79
CA PRO D 277 -25.49 -1.82 14.34
C PRO D 277 -25.69 -2.90 15.39
N ASP D 278 -26.19 -2.51 16.56
CA ASP D 278 -26.44 -3.45 17.65
C ASP D 278 -27.45 -2.88 18.64
N GLU D 279 -28.65 -3.46 18.66
CA GLU D 279 -29.71 -3.02 19.55
C GLU D 279 -29.27 -3.06 21.01
N LYS D 280 -28.30 -3.93 21.30
CA LYS D 280 -27.78 -4.06 22.66
C LYS D 280 -26.42 -3.40 22.83
N GLY D 281 -26.07 -2.48 21.93
CA GLY D 281 -24.82 -1.74 22.00
C GLY D 281 -25.01 -0.35 22.59
N CYS D 282 -24.00 0.50 22.38
CA CYS D 282 -24.04 1.83 22.96
C CYS D 282 -25.10 2.68 22.30
N LEU D 283 -25.61 3.65 23.04
CA LEU D 283 -26.53 4.65 22.53
C LEU D 283 -25.68 5.84 22.10
N VAL D 284 -25.28 5.84 20.83
CA VAL D 284 -24.43 6.91 20.30
C VAL D 284 -25.31 8.07 19.89
N VAL D 285 -25.25 9.16 20.64
CA VAL D 285 -25.97 10.37 20.28
C VAL D 285 -25.36 10.95 19.01
N LYS D 286 -26.21 11.22 18.02
CA LYS D 286 -25.79 11.79 16.74
C LYS D 286 -26.15 13.26 16.60
N GLU D 287 -27.29 13.67 17.15
CA GLU D 287 -27.75 15.05 17.11
C GLU D 287 -28.19 15.46 18.50
N CYS D 288 -27.76 16.64 18.95
CA CYS D 288 -28.16 17.16 20.25
C CYS D 288 -29.05 18.38 20.09
N ASP D 289 -29.87 18.65 21.07
CA ASP D 289 -30.70 19.82 21.03
C ASP D 289 -29.79 20.99 21.31
N ALA D 290 -29.32 21.62 20.26
CA ALA D 290 -28.39 22.72 20.35
C ALA D 290 -28.96 23.98 20.91
N GLU D 291 -30.23 24.19 20.70
CA GLU D 291 -30.82 25.35 21.26
C GLU D 291 -30.86 25.25 22.76
N LEU D 292 -31.37 24.16 23.30
CA LEU D 292 -31.35 23.97 24.74
C LEU D 292 -29.93 23.91 25.28
N PHE D 293 -28.98 23.45 24.46
CA PHE D 293 -27.58 23.38 24.88
C PHE D 293 -27.03 24.78 25.15
N VAL D 294 -27.27 25.72 24.25
CA VAL D 294 -26.75 27.08 24.43
C VAL D 294 -27.43 27.77 25.60
N LYS D 295 -28.72 27.51 25.81
CA LYS D 295 -29.44 28.21 26.87
C LYS D 295 -28.92 27.80 28.24
N ILE D 296 -28.71 26.50 28.48
CA ILE D 296 -28.12 26.07 29.73
C ILE D 296 -26.66 26.50 29.82
N LEU D 297 -25.99 26.69 28.67
CA LEU D 297 -24.65 27.24 28.70
C LEU D 297 -24.66 28.70 29.11
N ARG D 298 -25.71 29.44 28.73
CA ARG D 298 -25.85 30.81 29.20
C ARG D 298 -26.31 30.87 30.65
N GLU D 299 -27.24 29.99 31.03
CA GLU D 299 -27.87 30.09 32.35
C GLU D 299 -26.88 29.79 33.47
N LEU D 300 -25.96 28.86 33.25
CA LEU D 300 -24.96 28.57 34.28
C LEU D 300 -24.09 29.79 34.57
N GLN D 301 -24.01 30.74 33.64
CA GLN D 301 -23.26 31.97 33.82
C GLN D 301 -24.11 33.09 34.38
N ASP D 302 -25.33 32.81 34.84
CA ASP D 302 -26.21 33.83 35.36
C ASP D 302 -25.71 34.33 36.71
N HIS D 303 -26.29 35.46 37.15
CA HIS D 303 -25.96 36.05 38.44
C HIS D 303 -26.75 35.39 39.57
#